data_8FGX
#
_entry.id   8FGX
#
_cell.length_a   1.00
_cell.length_b   1.00
_cell.length_c   1.00
_cell.angle_alpha   90.00
_cell.angle_beta   90.00
_cell.angle_gamma   90.00
#
_symmetry.space_group_name_H-M   'P 1'
#
loop_
_entity.id
_entity.type
_entity.pdbx_description
1 polymer 'STAR-0215 Light chain'
2 polymer 'STAR-0215 Heavy chain'
3 polymer 'Plasma kallikrein light chain'
4 non-polymer 2-acetamido-2-deoxy-beta-D-glucopyranose
#
loop_
_entity_poly.entity_id
_entity_poly.type
_entity_poly.pdbx_seq_one_letter_code
_entity_poly.pdbx_strand_id
1 'polypeptide(L)'
;DIQMTQSPSSLSASVGDRVTITCKASQDVGIAVAWYQQKPGKAPKFLIYYASHRGWGVPDRFSGSGSGTDFTLTISSLQP
EDFATYFCQQYRSYPLTFGQGTKLEIKRTVAAPSVFIFPPSDEQLKSGTASVVCLLNNFYPREAKVQWKVDNALQSGNSQ
ESVTEQDSKDSTYSLSSTLTLSKADYEKHKVYACEVTHQGLSSPVTKSFNRGEC
;
A
2 'polypeptide(L)'
;QVQLVQSGAEVKKPGSSVKVSCKASGYAFSSYWMNWVRQAPGQGLEWIGQIYPGDDDTNYNAKFQGRVTITVDKSTTTAY
MELSSLRSEDTAVYFCAGSLMVTTGAPFDYWGQGTTVTVSSASTKGPSVFPLAPSSKSTSGGTAALGCLVKDYFPEPVTV
SWNSGALTSGVHTFPAVLQSSGLYSLSSVVTVPSSSLGTQTYICNVNHKPSNTKVDKRVEPKSC
;
B
3 'polypeptide(L)'
;GCLTQLYENAFFRGGDVASMYTPNAQYCQMRCTFHPRCLLFSFLPASSINDMEKRFGCFLKDSVTGTLPKVHRTGAVSGH
SLKQCGHQISACHRDIYKGVDMRGVNFNVSKVSSVEECQKRCTNNIRCQFFSYATQTFHKAEYRNNCLLKYSPGGTPTAI
KVLSNVESGFSLKPCALSEIGCHMNIFQHLAFSDVDVARVLTPDAFVCRTICTYHPNCLFFTFYTNVWKIESQRNVCLLK
TSESGTPSSSTPQENTISGYSLLTCKRTLPEPCHSKIYPGVDFGGEELNVTFVKGVNVCQETCTKMIRCQFFTYSLLPED
CKEEKCKCFLRLSMDGSPTRIAYGTQGSSGYSLRLCNTGDNSVCTTKTSTRIVGGTNSSWGEWPWQVSLQVKLTAQRHLC
GGSLIGHQWVLTAAHCFDGLPLQDVWRIYSGILNLSDITKDTPFSQIKEIIIHQNYKVSEGNHDIALIKLQAPLNYTEFQ
KPICLPSKGDTSTIYTNCWVTGWGFSKEKGEIQNILQKVNIPLVTNEECQKRYQDYKITQRMVCAGYKEGGKDACKGDSG
GPLVCKHNGMWRLVGITSWGEGCARREQPGVYTKVAEYMDWILEKTQSSDGKAQMQSPA
;
C
#
loop_
_chem_comp.id
_chem_comp.type
_chem_comp.name
_chem_comp.formula
NAG D-saccharide, beta linking 2-acetamido-2-deoxy-beta-D-glucopyranose 'C8 H15 N O6'
#
# COMPACT_ATOMS: atom_id res chain seq x y z
N ASP A 1 15.65 5.07 12.66
CA ASP A 1 14.79 4.41 11.64
C ASP A 1 15.38 3.08 11.20
N ILE A 2 14.52 2.10 10.95
CA ILE A 2 14.94 0.80 10.47
C ILE A 2 14.96 0.84 8.95
N GLN A 3 16.13 0.61 8.37
CA GLN A 3 16.24 0.56 6.92
C GLN A 3 15.89 -0.83 6.40
N MET A 4 15.24 -0.86 5.25
CA MET A 4 14.85 -2.10 4.60
C MET A 4 15.49 -2.13 3.22
N THR A 5 16.35 -3.13 2.99
CA THR A 5 17.09 -3.25 1.74
C THR A 5 16.57 -4.45 0.97
N GLN A 6 16.01 -4.20 -0.21
CA GLN A 6 15.53 -5.26 -1.07
C GLN A 6 16.59 -5.66 -2.08
N SER A 7 16.60 -6.93 -2.45
CA SER A 7 17.56 -7.46 -3.40
C SER A 7 16.84 -8.46 -4.29
N PRO A 8 17.03 -8.39 -5.62
CA PRO A 8 17.77 -7.38 -6.39
C PRO A 8 16.92 -6.15 -6.66
N SER A 9 17.52 -5.05 -7.12
CA SER A 9 16.74 -3.88 -7.50
C SER A 9 15.86 -4.18 -8.72
N SER A 10 16.34 -5.04 -9.60
CA SER A 10 15.57 -5.47 -10.78
C SER A 10 15.77 -6.96 -10.96
N LEU A 11 14.78 -7.59 -11.59
CA LEU A 11 14.79 -9.05 -11.73
C LEU A 11 13.97 -9.43 -12.94
N SER A 12 14.58 -10.15 -13.88
CA SER A 12 13.91 -10.57 -15.10
C SER A 12 13.50 -12.04 -14.98
N ALA A 13 12.26 -12.34 -15.37
CA ALA A 13 11.75 -13.69 -15.27
C ALA A 13 10.69 -13.88 -16.35
N SER A 14 10.26 -15.14 -16.51
CA SER A 14 9.30 -15.51 -17.52
C SER A 14 8.06 -16.11 -16.87
N VAL A 15 6.96 -16.09 -17.62
CA VAL A 15 5.73 -16.70 -17.14
C VAL A 15 5.98 -18.17 -16.85
N GLY A 16 5.60 -18.61 -15.65
CA GLY A 16 5.85 -19.96 -15.20
C GLY A 16 7.11 -20.12 -14.37
N ASP A 17 7.99 -19.12 -14.35
CA ASP A 17 9.19 -19.20 -13.53
C ASP A 17 8.85 -19.03 -12.06
N ARG A 18 9.75 -19.52 -11.21
CA ARG A 18 9.68 -19.30 -9.76
C ARG A 18 10.73 -18.25 -9.41
N VAL A 19 10.29 -17.15 -8.82
CA VAL A 19 11.17 -16.01 -8.55
C VAL A 19 11.12 -15.72 -7.05
N THR A 20 12.24 -15.23 -6.53
CA THR A 20 12.40 -14.96 -5.11
C THR A 20 12.97 -13.57 -4.91
N ILE A 21 12.29 -12.78 -4.10
CA ILE A 21 12.74 -11.43 -3.73
C ILE A 21 13.07 -11.44 -2.25
N THR A 22 14.22 -10.87 -1.90
CA THR A 22 14.66 -10.84 -0.51
C THR A 22 14.67 -9.40 -0.01
N CYS A 23 14.36 -9.25 1.27
CA CYS A 23 14.35 -7.96 1.94
C CYS A 23 15.13 -8.11 3.25
N LYS A 24 16.10 -7.23 3.47
CA LYS A 24 16.95 -7.30 4.65
C LYS A 24 16.73 -6.06 5.50
N ALA A 25 16.36 -6.26 6.76
CA ALA A 25 16.18 -5.17 7.70
C ALA A 25 17.49 -4.88 8.42
N SER A 26 17.79 -3.60 8.61
CA SER A 26 19.00 -3.23 9.33
C SER A 26 18.91 -3.54 10.81
N GLN A 27 17.71 -3.77 11.33
CA GLN A 27 17.49 -4.13 12.73
C GLN A 27 16.52 -5.29 12.79
N ASP A 28 16.43 -5.91 13.96
CA ASP A 28 15.50 -7.01 14.17
C ASP A 28 14.07 -6.47 14.15
N VAL A 29 13.29 -6.90 13.17
CA VAL A 29 11.88 -6.51 13.06
C VAL A 29 10.96 -7.69 13.35
N GLY A 30 11.47 -8.77 13.93
CA GLY A 30 10.66 -9.92 14.23
C GLY A 30 10.05 -10.52 12.97
N ILE A 31 8.74 -10.45 12.86
CA ILE A 31 8.04 -10.89 11.65
C ILE A 31 7.12 -9.78 11.17
N ALA A 32 7.29 -8.57 11.73
CA ALA A 32 6.42 -7.44 11.39
C ALA A 32 6.83 -6.84 10.05
N VAL A 33 6.70 -7.65 9.00
CA VAL A 33 7.07 -7.26 7.64
C VAL A 33 5.89 -7.56 6.72
N ALA A 34 5.57 -6.61 5.85
CA ALA A 34 4.51 -6.76 4.85
C ALA A 34 5.07 -6.51 3.47
N TRP A 35 4.40 -7.07 2.47
CA TRP A 35 4.83 -6.95 1.08
C TRP A 35 3.71 -6.33 0.25
N TYR A 36 4.09 -5.45 -0.67
CA TYR A 36 3.14 -4.75 -1.53
C TYR A 36 3.56 -4.87 -2.97
N GLN A 37 2.56 -4.91 -3.85
CA GLN A 37 2.76 -4.96 -5.29
C GLN A 37 2.22 -3.67 -5.92
N GLN A 38 3.04 -3.02 -6.74
CA GLN A 38 2.63 -1.78 -7.39
C GLN A 38 2.98 -1.85 -8.87
N LYS A 39 1.98 -1.68 -9.71
CA LYS A 39 2.18 -1.53 -11.14
C LYS A 39 2.31 -0.05 -11.50
N PRO A 40 2.89 0.27 -12.65
CA PRO A 40 3.18 1.67 -12.96
C PRO A 40 1.92 2.52 -12.92
N GLY A 41 2.02 3.66 -12.23
CA GLY A 41 0.95 4.63 -12.20
C GLY A 41 -0.22 4.27 -11.30
N LYS A 42 -0.18 3.12 -10.64
CA LYS A 42 -1.27 2.67 -9.79
C LYS A 42 -0.84 2.63 -8.33
N ALA A 43 -1.82 2.40 -7.47
CA ALA A 43 -1.55 2.34 -6.04
C ALA A 43 -0.97 0.97 -5.66
N PRO A 44 -0.13 0.91 -4.62
CA PRO A 44 0.38 -0.38 -4.17
C PRO A 44 -0.75 -1.29 -3.72
N LYS A 45 -0.57 -2.59 -3.96
CA LYS A 45 -1.54 -3.61 -3.58
C LYS A 45 -0.94 -4.50 -2.49
N PHE A 46 -1.75 -4.78 -1.48
CA PHE A 46 -1.30 -5.48 -0.28
C PHE A 46 -1.25 -6.98 -0.54
N LEU A 47 -0.10 -7.60 -0.29
CA LEU A 47 0.12 -9.02 -0.54
C LEU A 47 0.31 -9.82 0.73
N ILE A 48 1.29 -9.48 1.55
CA ILE A 48 1.67 -10.27 2.70
C ILE A 48 1.67 -9.38 3.94
N TYR A 49 1.34 -9.98 5.08
CA TYR A 49 1.51 -9.34 6.37
C TYR A 49 2.07 -10.34 7.36
N TYR A 50 2.74 -9.84 8.39
CA TYR A 50 3.46 -10.67 9.35
C TYR A 50 4.39 -11.65 8.64
N ALA A 51 4.87 -11.24 7.46
CA ALA A 51 5.98 -11.88 6.77
C ALA A 51 5.63 -13.23 6.14
N SER A 52 4.47 -13.79 6.45
CA SER A 52 4.08 -15.06 5.85
C SER A 52 2.61 -15.17 5.44
N HIS A 53 1.71 -14.33 5.97
CA HIS A 53 0.28 -14.53 5.77
C HIS A 53 -0.21 -13.69 4.60
N ARG A 54 -0.94 -14.31 3.68
CA ARG A 54 -1.43 -13.63 2.50
C ARG A 54 -2.57 -12.67 2.85
N GLY A 55 -2.73 -11.65 2.01
CA GLY A 55 -3.79 -10.69 2.16
C GLY A 55 -5.10 -11.19 1.57
N TRP A 56 -6.09 -10.31 1.59
CA TRP A 56 -7.42 -10.65 1.10
C TRP A 56 -7.39 -10.94 -0.39
N GLY A 57 -7.69 -12.18 -0.76
CA GLY A 57 -7.81 -12.53 -2.16
C GLY A 57 -6.49 -12.63 -2.90
N VAL A 58 -5.38 -12.67 -2.18
CA VAL A 58 -4.07 -12.78 -2.82
C VAL A 58 -3.89 -14.21 -3.35
N PRO A 59 -3.49 -14.40 -4.61
CA PRO A 59 -3.34 -15.77 -5.12
C PRO A 59 -2.34 -16.56 -4.29
N ASP A 60 -2.60 -17.86 -4.17
CA ASP A 60 -1.77 -18.71 -3.32
C ASP A 60 -0.34 -18.80 -3.81
N ARG A 61 -0.06 -18.45 -5.06
CA ARG A 61 1.31 -18.52 -5.56
C ARG A 61 2.23 -17.53 -4.85
N PHE A 62 1.68 -16.51 -4.21
CA PHE A 62 2.49 -15.56 -3.45
C PHE A 62 2.78 -16.14 -2.07
N SER A 63 4.05 -16.28 -1.76
CA SER A 63 4.49 -16.87 -0.49
C SER A 63 5.50 -15.95 0.17
N GLY A 64 5.31 -15.71 1.46
CA GLY A 64 6.24 -14.92 2.24
C GLY A 64 6.89 -15.77 3.31
N SER A 65 8.13 -15.43 3.65
CA SER A 65 8.87 -16.19 4.65
C SER A 65 9.93 -15.29 5.26
N GLY A 66 10.58 -15.79 6.29
CA GLY A 66 11.66 -15.10 6.95
C GLY A 66 11.27 -14.59 8.32
N SER A 67 12.30 -14.18 9.06
CA SER A 67 12.13 -13.61 10.39
C SER A 67 13.41 -12.87 10.75
N GLY A 68 13.35 -12.12 11.84
CA GLY A 68 14.51 -11.37 12.28
C GLY A 68 14.85 -10.23 11.36
N THR A 69 15.95 -10.36 10.62
CA THR A 69 16.42 -9.31 9.73
C THR A 69 16.33 -9.67 8.25
N ASP A 70 16.04 -10.93 7.91
CA ASP A 70 16.02 -11.39 6.53
C ASP A 70 14.64 -11.92 6.19
N PHE A 71 14.07 -11.42 5.10
CA PHE A 71 12.72 -11.80 4.70
C PHE A 71 12.71 -12.03 3.19
N THR A 72 11.75 -12.85 2.75
CA THR A 72 11.71 -13.32 1.37
C THR A 72 10.28 -13.34 0.86
N LEU A 73 10.10 -12.95 -0.40
CA LEU A 73 8.84 -13.09 -1.12
C LEU A 73 9.07 -14.02 -2.30
N THR A 74 8.24 -15.05 -2.40
CA THR A 74 8.37 -16.06 -3.45
C THR A 74 7.08 -16.14 -4.25
N ILE A 75 7.22 -16.18 -5.58
CA ILE A 75 6.09 -16.38 -6.48
C ILE A 75 6.34 -17.71 -7.20
N SER A 76 5.49 -18.69 -6.93
CA SER A 76 5.75 -20.05 -7.38
C SER A 76 5.69 -20.17 -8.90
N SER A 77 4.69 -19.53 -9.52
CA SER A 77 4.52 -19.61 -10.97
C SER A 77 4.07 -18.23 -11.46
N LEU A 78 5.01 -17.47 -12.00
CA LEU A 78 4.72 -16.12 -12.45
C LEU A 78 3.63 -16.14 -13.51
N GLN A 79 2.58 -15.39 -13.27
CA GLN A 79 1.59 -15.06 -14.29
C GLN A 79 1.93 -13.72 -14.91
N PRO A 80 1.46 -13.45 -16.13
CA PRO A 80 1.76 -12.16 -16.75
C PRO A 80 1.29 -10.98 -15.92
N GLU A 81 0.28 -11.17 -15.09
CA GLU A 81 -0.20 -10.12 -14.19
C GLU A 81 0.71 -9.88 -13.00
N ASP A 82 1.69 -10.77 -12.76
CA ASP A 82 2.56 -10.64 -11.61
C ASP A 82 3.75 -9.73 -11.84
N PHE A 83 3.99 -9.30 -13.07
CA PHE A 83 5.15 -8.45 -13.37
C PHE A 83 4.87 -7.03 -12.89
N ALA A 84 5.61 -6.61 -11.87
CA ALA A 84 5.40 -5.32 -11.24
C ALA A 84 6.49 -5.06 -10.22
N THR A 85 6.45 -3.90 -9.56
CA THR A 85 7.39 -3.58 -8.51
C THR A 85 6.85 -4.07 -7.18
N TYR A 86 7.75 -4.59 -6.35
CA TYR A 86 7.38 -5.19 -5.06
C TYR A 86 8.14 -4.49 -3.95
N PHE A 87 7.42 -4.12 -2.90
CA PHE A 87 7.98 -3.39 -1.77
C PHE A 87 7.79 -4.20 -0.50
N CYS A 88 8.81 -4.21 0.35
CA CYS A 88 8.71 -4.75 1.69
C CYS A 88 8.63 -3.61 2.68
N GLN A 89 7.76 -3.76 3.67
CA GLN A 89 7.55 -2.75 4.71
C GLN A 89 7.75 -3.40 6.06
N GLN A 90 8.42 -2.70 6.96
CA GLN A 90 8.53 -3.09 8.35
C GLN A 90 7.65 -2.19 9.20
N TYR A 91 6.88 -2.78 10.10
CA TYR A 91 6.07 -2.02 11.04
C TYR A 91 6.34 -2.45 12.48
N ARG A 92 7.55 -2.96 12.73
CA ARG A 92 7.93 -3.28 14.10
C ARG A 92 8.00 -2.02 14.95
N SER A 93 8.58 -0.95 14.43
CA SER A 93 8.74 0.30 15.15
C SER A 93 8.50 1.46 14.21
N TYR A 94 8.05 2.59 14.79
CA TYR A 94 7.86 3.78 14.00
C TYR A 94 9.15 4.58 13.89
N PRO A 95 9.33 5.34 12.80
CA PRO A 95 8.44 5.48 11.64
C PRO A 95 8.43 4.25 10.76
N LEU A 96 7.30 3.92 10.14
CA LEU A 96 7.25 2.79 9.23
C LEU A 96 8.11 3.08 8.01
N THR A 97 8.80 2.06 7.52
CA THR A 97 9.74 2.21 6.42
C THR A 97 9.51 1.13 5.39
N PHE A 98 9.82 1.46 4.13
CA PHE A 98 9.68 0.56 3.00
C PHE A 98 11.05 0.31 2.38
N GLY A 99 11.15 -0.80 1.64
CA GLY A 99 12.32 -1.03 0.83
C GLY A 99 12.29 -0.20 -0.43
N GLN A 100 13.44 -0.15 -1.11
CA GLN A 100 13.53 0.66 -2.32
C GLN A 100 12.73 0.07 -3.47
N GLY A 101 12.30 -1.18 -3.36
CA GLY A 101 11.47 -1.79 -4.38
C GLY A 101 12.27 -2.71 -5.28
N THR A 102 11.63 -3.79 -5.72
CA THR A 102 12.22 -4.74 -6.65
C THR A 102 11.27 -4.90 -7.83
N LYS A 103 11.75 -4.55 -9.02
CA LYS A 103 10.91 -4.56 -10.22
C LYS A 103 11.06 -5.90 -10.93
N LEU A 104 9.94 -6.60 -11.13
CA LEU A 104 9.92 -7.81 -11.93
C LEU A 104 9.67 -7.44 -13.38
N GLU A 105 10.55 -7.92 -14.26
CA GLU A 105 10.50 -7.60 -15.68
C GLU A 105 10.35 -8.89 -16.48
N ILE A 106 9.67 -8.79 -17.62
CA ILE A 106 9.48 -9.94 -18.49
C ILE A 106 10.79 -10.24 -19.20
N LYS A 107 11.28 -11.47 -19.06
CA LYS A 107 12.51 -11.86 -19.73
C LYS A 107 12.26 -12.07 -21.20
N ARG A 108 13.13 -11.49 -22.04
CA ARG A 108 12.98 -11.53 -23.48
C ARG A 108 14.31 -11.88 -24.11
N THR A 109 14.26 -12.47 -25.30
CA THR A 109 15.48 -12.71 -26.07
C THR A 109 16.11 -11.38 -26.46
N VAL A 110 17.44 -11.35 -26.45
CA VAL A 110 18.16 -10.09 -26.67
C VAL A 110 17.74 -9.48 -28.00
N ALA A 111 17.49 -8.17 -27.98
CA ALA A 111 17.12 -7.42 -29.18
C ALA A 111 18.00 -6.18 -29.26
N ALA A 112 18.60 -5.96 -30.43
CA ALA A 112 19.48 -4.81 -30.60
C ALA A 112 18.66 -3.56 -30.90
N PRO A 113 19.11 -2.39 -30.45
CA PRO A 113 18.35 -1.17 -30.71
C PRO A 113 18.50 -0.68 -32.13
N SER A 114 17.42 -0.13 -32.67
CA SER A 114 17.47 0.62 -33.91
C SER A 114 17.72 2.09 -33.55
N VAL A 115 18.85 2.63 -34.03
CA VAL A 115 19.32 3.94 -33.60
C VAL A 115 18.95 4.97 -34.67
N PHE A 116 18.28 6.04 -34.24
CA PHE A 116 17.94 7.15 -35.11
C PHE A 116 18.42 8.45 -34.46
N ILE A 117 18.87 9.38 -35.29
CA ILE A 117 19.36 10.67 -34.83
C ILE A 117 18.62 11.76 -35.58
N PHE A 118 18.20 12.79 -34.84
CA PHE A 118 17.37 13.85 -35.38
C PHE A 118 18.06 15.20 -35.19
N PRO A 119 18.43 15.92 -36.25
CA PRO A 119 18.99 17.26 -36.07
C PRO A 119 17.94 18.21 -35.52
N PRO A 120 18.35 19.28 -34.85
CA PRO A 120 17.37 20.26 -34.36
C PRO A 120 16.57 20.84 -35.51
N SER A 121 15.28 21.04 -35.26
CA SER A 121 14.42 21.61 -36.29
C SER A 121 14.68 23.10 -36.44
N ASP A 122 14.30 23.63 -37.61
CA ASP A 122 14.48 25.05 -37.88
C ASP A 122 13.69 25.91 -36.90
N GLU A 123 12.47 25.47 -36.57
CA GLU A 123 11.62 26.27 -35.67
C GLU A 123 12.30 26.48 -34.32
N GLN A 124 12.87 25.42 -33.75
CA GLN A 124 13.51 25.54 -32.45
C GLN A 124 14.73 26.46 -32.52
N LEU A 125 15.52 26.33 -33.59
CA LEU A 125 16.72 27.15 -33.70
C LEU A 125 16.38 28.64 -33.67
N LYS A 126 15.23 29.02 -34.23
CA LYS A 126 14.80 30.41 -34.15
C LYS A 126 14.58 30.86 -32.72
N SER A 127 14.36 29.93 -31.80
CA SER A 127 14.14 30.24 -30.39
C SER A 127 15.44 30.34 -29.60
N GLY A 128 16.59 30.12 -30.24
CA GLY A 128 17.86 30.24 -29.56
C GLY A 128 18.34 29.00 -28.84
N THR A 129 17.66 27.87 -29.01
CA THR A 129 18.07 26.61 -28.41
C THR A 129 18.05 25.51 -29.45
N ALA A 130 18.92 24.52 -29.26
CA ALA A 130 19.03 23.39 -30.17
C ALA A 130 18.92 22.09 -29.38
N SER A 131 18.01 21.22 -29.81
CA SER A 131 17.84 19.90 -29.21
C SER A 131 18.06 18.85 -30.29
N VAL A 132 19.04 17.97 -30.07
CA VAL A 132 19.34 16.86 -30.96
C VAL A 132 18.99 15.58 -30.22
N VAL A 133 18.13 14.76 -30.81
CA VAL A 133 17.53 13.62 -30.15
C VAL A 133 18.07 12.34 -30.78
N CYS A 134 18.48 11.39 -29.94
CA CYS A 134 18.89 10.06 -30.37
C CYS A 134 17.86 9.05 -29.86
N LEU A 135 17.35 8.23 -30.76
CA LEU A 135 16.26 7.30 -30.45
C LEU A 135 16.78 5.88 -30.55
N LEU A 136 16.64 5.12 -29.45
CA LEU A 136 16.89 3.69 -29.42
C LEU A 136 15.55 2.99 -29.34
N ASN A 137 15.24 2.19 -30.35
CA ASN A 137 13.89 1.65 -30.53
C ASN A 137 13.88 0.14 -30.36
N ASN A 138 13.01 -0.34 -29.48
CA ASN A 138 12.69 -1.76 -29.37
C ASN A 138 13.96 -2.61 -29.16
N PHE A 139 14.60 -2.37 -28.02
CA PHE A 139 15.78 -3.13 -27.62
C PHE A 139 15.55 -3.80 -26.28
N TYR A 140 16.36 -4.82 -26.01
CA TYR A 140 16.33 -5.54 -24.75
C TYR A 140 17.68 -6.20 -24.59
N PRO A 141 18.29 -6.18 -23.38
CA PRO A 141 17.78 -5.63 -22.11
C PRO A 141 17.83 -4.11 -22.00
N ARG A 142 17.48 -3.61 -20.82
CA ARG A 142 17.26 -2.17 -20.62
C ARG A 142 18.56 -1.38 -20.54
N GLU A 143 19.70 -2.03 -20.38
CA GLU A 143 20.92 -1.36 -19.95
C GLU A 143 21.72 -0.75 -21.10
N ALA A 144 21.07 -0.41 -22.20
CA ALA A 144 21.77 0.26 -23.29
C ALA A 144 22.41 1.56 -22.80
N LYS A 145 23.61 1.83 -23.29
CA LYS A 145 24.37 3.02 -22.93
C LYS A 145 24.47 3.94 -24.14
N VAL A 146 24.29 5.24 -23.89
CA VAL A 146 24.29 6.25 -24.95
C VAL A 146 25.33 7.31 -24.61
N GLN A 147 26.12 7.70 -25.61
CA GLN A 147 27.12 8.75 -25.47
C GLN A 147 26.97 9.74 -26.62
N TRP A 148 27.22 11.01 -26.33
CA TRP A 148 27.11 12.08 -27.31
C TRP A 148 28.49 12.61 -27.65
N LYS A 149 28.81 12.63 -28.94
CA LYS A 149 30.09 13.14 -29.43
C LYS A 149 29.83 14.33 -30.34
N VAL A 150 30.47 15.45 -30.03
CA VAL A 150 30.41 16.66 -30.85
C VAL A 150 31.80 16.87 -31.43
N ASP A 151 31.94 16.67 -32.74
CA ASP A 151 33.24 16.73 -33.39
C ASP A 151 34.23 15.81 -32.69
N ASN A 152 33.76 14.61 -32.33
CA ASN A 152 34.55 13.60 -31.64
C ASN A 152 34.89 14.00 -30.22
N ALA A 153 34.19 14.97 -29.65
CA ALA A 153 34.36 15.40 -28.27
C ALA A 153 33.21 14.84 -27.44
N LEU A 154 33.54 14.04 -26.43
CA LEU A 154 32.51 13.39 -25.61
C LEU A 154 31.83 14.41 -24.71
N GLN A 155 30.57 14.72 -25.01
CA GLN A 155 29.80 15.64 -24.18
C GLN A 155 29.41 14.96 -22.87
N SER A 156 29.16 15.78 -21.85
CA SER A 156 28.75 15.28 -20.55
C SER A 156 28.03 16.39 -19.79
N GLY A 157 26.96 16.01 -19.09
CA GLY A 157 26.22 16.93 -18.26
C GLY A 157 25.20 17.79 -18.99
N ASN A 158 25.05 17.64 -20.30
CA ASN A 158 24.08 18.41 -21.07
C ASN A 158 23.12 17.51 -21.85
N SER A 159 22.93 16.27 -21.39
CA SER A 159 22.05 15.32 -22.06
C SER A 159 21.17 14.64 -21.03
N GLN A 160 19.89 14.47 -21.38
CA GLN A 160 18.92 13.78 -20.53
C GLN A 160 18.34 12.61 -21.27
N GLU A 161 18.20 11.49 -20.58
CA GLU A 161 17.74 10.24 -21.17
C GLU A 161 16.42 9.83 -20.55
N SER A 162 15.48 9.42 -21.40
CA SER A 162 14.18 8.93 -20.96
C SER A 162 13.92 7.59 -21.62
N VAL A 163 13.39 6.64 -20.83
CA VAL A 163 13.16 5.28 -21.29
C VAL A 163 11.71 4.90 -20.99
N THR A 164 11.14 4.06 -21.84
CA THR A 164 9.77 3.63 -21.71
C THR A 164 9.69 2.34 -20.90
N GLU A 165 8.47 2.00 -20.49
CA GLU A 165 8.22 0.69 -19.89
C GLU A 165 8.26 -0.39 -20.97
N GLN A 166 8.34 -1.64 -20.53
CA GLN A 166 8.33 -2.75 -21.48
C GLN A 166 7.08 -2.70 -22.34
N ASP A 167 7.27 -2.82 -23.66
CA ASP A 167 6.14 -2.81 -24.56
C ASP A 167 5.22 -3.98 -24.27
N SER A 168 3.91 -3.72 -24.30
CA SER A 168 2.93 -4.74 -23.96
C SER A 168 2.92 -5.90 -24.97
N LYS A 169 3.46 -5.70 -26.16
CA LYS A 169 3.48 -6.74 -27.19
C LYS A 169 4.82 -7.47 -27.24
N ASP A 170 5.91 -6.72 -27.46
CA ASP A 170 7.22 -7.32 -27.69
C ASP A 170 8.10 -7.32 -26.46
N SER A 171 7.66 -6.72 -25.35
CA SER A 171 8.43 -6.65 -24.11
C SER A 171 9.75 -5.91 -24.27
N THR A 172 9.92 -5.16 -25.35
CA THR A 172 11.15 -4.43 -25.61
C THR A 172 11.09 -3.05 -24.96
N TYR A 173 12.25 -2.43 -24.84
CA TYR A 173 12.38 -1.07 -24.33
C TYR A 173 12.69 -0.10 -25.47
N SER A 174 12.38 1.16 -25.24
CA SER A 174 12.78 2.25 -26.12
C SER A 174 13.34 3.38 -25.28
N LEU A 175 14.40 4.02 -25.78
CA LEU A 175 15.11 5.04 -25.04
C LEU A 175 15.35 6.25 -25.93
N SER A 176 15.17 7.44 -25.37
CA SER A 176 15.42 8.69 -26.05
C SER A 176 16.47 9.49 -25.29
N SER A 177 17.43 10.04 -26.01
CA SER A 177 18.48 10.87 -25.44
C SER A 177 18.44 12.23 -26.12
N THR A 178 18.38 13.29 -25.32
CA THR A 178 18.22 14.65 -25.82
C THR A 178 19.41 15.48 -25.36
N LEU A 179 20.31 15.80 -26.28
CA LEU A 179 21.42 16.69 -26.01
C LEU A 179 20.98 18.12 -26.28
N THR A 180 20.96 18.94 -25.23
CA THR A 180 20.45 20.30 -25.31
C THR A 180 21.62 21.28 -25.38
N LEU A 181 21.63 22.11 -26.42
CA LEU A 181 22.70 23.08 -26.62
C LEU A 181 22.09 24.42 -27.00
N SER A 182 22.77 25.49 -26.59
CA SER A 182 22.39 26.83 -27.03
C SER A 182 22.72 27.01 -28.51
N LYS A 183 21.95 27.87 -29.17
CA LYS A 183 22.18 28.10 -30.59
C LYS A 183 23.60 28.56 -30.85
N ALA A 184 24.15 29.41 -29.96
CA ALA A 184 25.53 29.85 -30.12
C ALA A 184 26.49 28.67 -30.10
N ASP A 185 26.32 27.76 -29.14
CA ASP A 185 27.20 26.59 -29.06
C ASP A 185 26.89 25.56 -30.13
N TYR A 186 25.63 25.48 -30.57
CA TYR A 186 25.28 24.49 -31.57
C TYR A 186 26.00 24.73 -32.89
N GLU A 187 26.11 25.98 -33.31
CA GLU A 187 26.74 26.31 -34.57
C GLU A 187 28.26 26.31 -34.51
N LYS A 188 28.85 26.21 -33.31
CA LYS A 188 30.30 26.16 -33.21
C LYS A 188 30.88 24.94 -33.92
N HIS A 189 30.11 23.88 -34.06
CA HIS A 189 30.62 22.59 -34.52
C HIS A 189 29.85 22.14 -35.75
N LYS A 190 30.34 21.04 -36.33
CA LYS A 190 29.80 20.52 -37.58
C LYS A 190 29.19 19.14 -37.44
N VAL A 191 29.86 18.22 -36.75
CA VAL A 191 29.46 16.82 -36.69
C VAL A 191 28.88 16.53 -35.31
N TYR A 192 27.66 16.01 -35.29
CA TYR A 192 27.00 15.55 -34.07
C TYR A 192 26.72 14.07 -34.21
N ALA A 193 27.18 13.27 -33.25
CA ALA A 193 27.09 11.83 -33.32
C ALA A 193 26.54 11.27 -32.03
N CYS A 194 25.71 10.23 -32.15
CA CYS A 194 25.18 9.50 -31.01
C CYS A 194 25.72 8.08 -31.07
N GLU A 195 26.51 7.70 -30.08
CA GLU A 195 27.13 6.38 -30.00
C GLU A 195 26.41 5.56 -28.94
N VAL A 196 25.92 4.39 -29.33
CA VAL A 196 25.11 3.53 -28.46
C VAL A 196 25.86 2.23 -28.24
N THR A 197 26.01 1.85 -26.99
CA THR A 197 26.59 0.56 -26.61
C THR A 197 25.49 -0.28 -25.95
N HIS A 198 25.27 -1.48 -26.48
CA HIS A 198 24.22 -2.35 -25.98
C HIS A 198 24.70 -3.79 -26.04
N GLN A 199 24.08 -4.62 -25.21
CA GLN A 199 24.45 -6.03 -25.14
C GLN A 199 24.27 -6.72 -26.49
N GLY A 200 23.22 -6.35 -27.22
CA GLY A 200 22.89 -7.02 -28.47
C GLY A 200 23.66 -6.56 -29.67
N LEU A 201 24.55 -5.58 -29.54
CA LEU A 201 25.33 -5.06 -30.65
C LEU A 201 26.75 -5.59 -30.58
N SER A 202 27.25 -6.08 -31.70
CA SER A 202 28.63 -6.57 -31.75
C SER A 202 29.61 -5.47 -31.36
N SER A 203 29.49 -4.31 -31.99
CA SER A 203 30.28 -3.13 -31.67
C SER A 203 29.34 -1.94 -31.55
N PRO A 204 29.75 -0.90 -30.82
CA PRO A 204 28.88 0.26 -30.65
C PRO A 204 28.46 0.84 -32.01
N VAL A 205 27.19 1.19 -32.12
CA VAL A 205 26.63 1.77 -33.33
C VAL A 205 26.55 3.27 -33.15
N THR A 206 27.10 4.02 -34.10
CA THR A 206 27.15 5.47 -34.05
C THR A 206 26.40 6.04 -35.24
N LYS A 207 25.37 6.83 -34.96
CA LYS A 207 24.64 7.58 -35.98
C LYS A 207 25.00 9.05 -35.84
N SER A 208 25.39 9.66 -36.95
CA SER A 208 25.87 11.04 -36.95
C SER A 208 25.22 11.81 -38.10
N PHE A 209 25.26 13.13 -37.98
CA PHE A 209 24.80 14.01 -39.04
C PHE A 209 25.67 15.26 -39.04
N ASN A 210 25.77 15.90 -40.20
CA ASN A 210 26.55 17.12 -40.37
C ASN A 210 25.61 18.30 -40.31
N ARG A 211 25.90 19.23 -39.41
CA ARG A 211 25.02 20.39 -39.21
C ARG A 211 24.83 21.14 -40.51
N GLY A 212 23.57 21.44 -40.83
CA GLY A 212 23.23 22.19 -42.02
C GLY A 212 23.20 21.39 -43.30
N GLU A 213 23.46 20.08 -43.24
CA GLU A 213 23.44 19.25 -44.43
C GLU A 213 22.20 18.35 -44.45
N GLN B 1 -18.84 -1.18 -1.75
CA GLN B 1 -17.46 -1.73 -1.59
C GLN B 1 -16.56 -0.72 -0.88
N VAL B 2 -15.41 -1.19 -0.42
CA VAL B 2 -14.45 -0.33 0.27
C VAL B 2 -13.71 0.52 -0.76
N GLN B 3 -13.78 1.83 -0.59
CA GLN B 3 -13.14 2.77 -1.50
C GLN B 3 -12.39 3.83 -0.72
N LEU B 4 -11.22 4.20 -1.22
CA LEU B 4 -10.48 5.38 -0.77
C LEU B 4 -10.22 6.25 -1.98
N VAL B 5 -10.90 7.38 -2.06
CA VAL B 5 -10.82 8.28 -3.21
C VAL B 5 -10.19 9.58 -2.75
N GLN B 6 -9.07 9.94 -3.36
CA GLN B 6 -8.31 11.13 -2.99
C GLN B 6 -8.64 12.29 -3.93
N SER B 7 -8.21 13.47 -3.54
CA SER B 7 -8.42 14.67 -4.32
C SER B 7 -7.52 14.68 -5.55
N GLY B 8 -7.78 15.63 -6.45
CA GLY B 8 -7.03 15.72 -7.68
C GLY B 8 -5.62 16.25 -7.47
N ALA B 9 -4.86 16.24 -8.56
CA ALA B 9 -3.48 16.68 -8.51
C ALA B 9 -3.39 18.16 -8.14
N GLU B 10 -2.31 18.54 -7.47
CA GLU B 10 -2.08 19.90 -7.03
C GLU B 10 -0.72 20.37 -7.52
N VAL B 11 -0.65 21.65 -7.89
CA VAL B 11 0.60 22.31 -8.25
C VAL B 11 0.78 23.48 -7.28
N LYS B 12 1.86 23.45 -6.51
CA LYS B 12 2.12 24.44 -5.48
C LYS B 12 3.50 25.05 -5.69
N LYS B 13 3.69 26.22 -5.12
CA LYS B 13 4.98 26.90 -5.16
C LYS B 13 5.69 26.75 -3.82
N PRO B 14 7.01 26.84 -3.81
CA PRO B 14 7.75 26.64 -2.55
C PRO B 14 7.29 27.62 -1.48
N GLY B 15 7.22 27.12 -0.24
CA GLY B 15 6.79 27.92 0.88
C GLY B 15 5.29 27.91 1.13
N SER B 16 4.50 27.34 0.23
CA SER B 16 3.06 27.26 0.41
C SER B 16 2.71 25.92 1.05
N SER B 17 1.42 25.61 1.14
CA SER B 17 0.96 24.37 1.75
C SER B 17 -0.09 23.72 0.86
N VAL B 18 -0.15 22.40 0.94
CA VAL B 18 -1.10 21.60 0.18
C VAL B 18 -1.91 20.76 1.16
N LYS B 19 -3.20 20.62 0.88
CA LYS B 19 -4.11 19.83 1.70
C LYS B 19 -4.71 18.73 0.83
N VAL B 20 -4.29 17.49 1.06
CA VAL B 20 -4.74 16.34 0.29
C VAL B 20 -5.81 15.62 1.11
N SER B 21 -6.94 15.34 0.48
CA SER B 21 -8.06 14.71 1.15
C SER B 21 -8.22 13.27 0.67
N CYS B 22 -8.86 12.46 1.52
CA CYS B 22 -9.07 11.04 1.25
C CYS B 22 -10.45 10.68 1.76
N LYS B 23 -11.40 10.53 0.85
CA LYS B 23 -12.78 10.22 1.20
C LYS B 23 -12.95 8.71 1.24
N ALA B 24 -13.21 8.17 2.44
CA ALA B 24 -13.33 6.74 2.65
C ALA B 24 -14.80 6.33 2.71
N SER B 25 -15.07 5.11 2.25
CA SER B 25 -16.43 4.59 2.26
C SER B 25 -16.38 3.06 2.32
N GLY B 26 -17.48 2.48 2.78
CA GLY B 26 -17.63 1.04 2.77
C GLY B 26 -17.10 0.31 3.98
N TYR B 27 -16.74 1.02 5.05
CA TYR B 27 -16.23 0.36 6.24
C TYR B 27 -16.33 1.34 7.41
N ALA B 28 -15.95 0.85 8.59
CA ALA B 28 -15.98 1.66 9.80
C ALA B 28 -14.84 2.67 9.79
N PHE B 29 -15.09 3.85 9.23
CA PHE B 29 -14.03 4.85 9.07
C PHE B 29 -13.35 5.17 10.39
N SER B 30 -14.12 5.24 11.46
CA SER B 30 -13.58 5.69 12.74
C SER B 30 -12.75 4.62 13.46
N SER B 31 -12.83 3.37 13.03
CA SER B 31 -12.21 2.27 13.74
C SER B 31 -10.87 1.83 13.14
N TYR B 32 -10.43 2.45 12.05
CA TYR B 32 -9.20 2.04 11.38
C TYR B 32 -8.26 3.23 11.26
N TRP B 33 -6.97 2.96 11.42
CA TRP B 33 -5.97 3.99 11.20
C TRP B 33 -5.90 4.37 9.73
N MET B 34 -5.78 5.66 9.45
CA MET B 34 -5.57 6.16 8.11
C MET B 34 -4.13 6.63 8.01
N ASN B 35 -3.37 6.03 7.11
CA ASN B 35 -1.95 6.31 6.95
C ASN B 35 -1.71 7.08 5.66
N TRP B 36 -0.77 8.01 5.70
CA TRP B 36 -0.40 8.81 4.54
C TRP B 36 1.01 8.45 4.12
N VAL B 37 1.16 8.03 2.87
CA VAL B 37 2.44 7.64 2.31
C VAL B 37 2.64 8.39 1.01
N ARG B 38 3.86 8.84 0.77
CA ARG B 38 4.21 9.53 -0.47
C ARG B 38 5.30 8.76 -1.20
N GLN B 39 5.23 8.79 -2.53
CA GLN B 39 6.19 8.09 -3.38
C GLN B 39 6.84 9.12 -4.30
N ALA B 40 8.00 9.61 -3.89
CA ALA B 40 8.74 10.54 -4.74
C ALA B 40 9.25 9.80 -5.97
N PRO B 41 9.41 10.51 -7.10
CA PRO B 41 9.84 9.83 -8.33
C PRO B 41 11.18 9.13 -8.21
N GLY B 42 12.02 9.52 -7.24
CA GLY B 42 13.34 8.93 -7.11
C GLY B 42 13.73 8.57 -5.69
N GLN B 43 12.74 8.40 -4.79
CA GLN B 43 13.05 8.02 -3.42
C GLN B 43 12.09 6.96 -2.88
N GLY B 44 11.43 6.20 -3.75
CA GLY B 44 10.57 5.13 -3.29
C GLY B 44 9.46 5.62 -2.40
N LEU B 45 8.99 4.73 -1.53
CA LEU B 45 7.87 5.02 -0.65
C LEU B 45 8.38 5.56 0.69
N GLU B 46 7.63 6.50 1.26
CA GLU B 46 8.02 7.15 2.50
C GLU B 46 6.75 7.41 3.32
N TRP B 47 6.65 6.74 4.45
CA TRP B 47 5.49 6.89 5.33
C TRP B 47 5.53 8.26 6.01
N ILE B 48 4.41 8.98 5.95
CA ILE B 48 4.34 10.34 6.47
C ILE B 48 3.79 10.33 7.90
N GLY B 49 2.60 9.78 8.06
CA GLY B 49 1.97 9.76 9.37
C GLY B 49 0.67 9.00 9.30
N GLN B 50 0.00 8.93 10.45
CA GLN B 50 -1.25 8.20 10.55
C GLN B 50 -2.16 8.89 11.55
N ILE B 51 -3.46 8.70 11.36
CA ILE B 51 -4.46 9.24 12.28
C ILE B 51 -5.50 8.16 12.54
N TYR B 52 -5.92 8.04 13.80
CA TYR B 52 -7.05 7.19 14.16
C TYR B 52 -8.28 8.08 14.26
N PRO B 53 -9.19 8.08 13.29
CA PRO B 53 -10.27 9.09 13.30
C PRO B 53 -11.11 9.05 14.56
N GLY B 54 -11.33 7.86 15.13
CA GLY B 54 -12.22 7.76 16.27
C GLY B 54 -11.78 8.63 17.43
N ASP B 55 -10.50 8.58 17.78
CA ASP B 55 -9.94 9.39 18.85
C ASP B 55 -9.11 10.56 18.35
N ASP B 56 -8.91 10.68 17.05
CA ASP B 56 -8.06 11.72 16.45
C ASP B 56 -6.62 11.62 16.90
N ASP B 57 -6.21 10.44 17.39
CA ASP B 57 -4.82 10.22 17.74
C ASP B 57 -3.98 10.16 16.47
N THR B 58 -2.79 10.76 16.51
CA THR B 58 -1.93 10.86 15.34
C THR B 58 -0.51 10.46 15.69
N ASN B 59 0.16 9.86 14.71
CA ASN B 59 1.58 9.57 14.77
C ASN B 59 2.21 10.09 13.48
N TYR B 60 3.28 10.86 13.61
CA TYR B 60 3.94 11.49 12.48
C TYR B 60 5.37 10.99 12.35
N ASN B 61 5.82 10.81 11.12
CA ASN B 61 7.23 10.54 10.88
C ASN B 61 8.05 11.75 11.34
N ALA B 62 9.12 11.48 12.08
CA ALA B 62 9.91 12.58 12.64
C ALA B 62 10.48 13.47 11.54
N LYS B 63 10.63 12.94 10.33
CA LYS B 63 11.10 13.76 9.22
C LYS B 63 10.14 14.91 8.93
N PHE B 64 8.83 14.64 8.95
CA PHE B 64 7.84 15.63 8.59
C PHE B 64 7.26 16.38 9.79
N GLN B 65 7.59 15.96 11.01
CA GLN B 65 7.00 16.60 12.19
C GLN B 65 7.27 18.10 12.16
N GLY B 66 6.24 18.88 12.45
CA GLY B 66 6.29 20.32 12.34
C GLY B 66 5.79 20.88 11.03
N ARG B 67 5.55 20.01 10.04
CA ARG B 67 5.02 20.45 8.75
C ARG B 67 3.78 19.70 8.30
N VAL B 68 3.53 18.49 8.80
CA VAL B 68 2.36 17.71 8.43
C VAL B 68 1.34 17.76 9.56
N THR B 69 0.08 17.97 9.21
CA THR B 69 -1.03 17.88 10.14
C THR B 69 -2.10 17.01 9.51
N ILE B 70 -2.31 15.81 10.05
CA ILE B 70 -3.32 14.89 9.56
C ILE B 70 -4.57 15.07 10.39
N THR B 71 -5.69 15.34 9.72
CA THR B 71 -6.97 15.56 10.38
C THR B 71 -8.05 14.79 9.64
N VAL B 72 -9.18 14.59 10.33
CA VAL B 72 -10.29 13.85 9.78
C VAL B 72 -11.58 14.64 9.97
N ASP B 73 -12.56 14.34 9.14
CA ASP B 73 -13.92 14.85 9.27
C ASP B 73 -14.84 13.64 9.36
N LYS B 74 -15.21 13.27 10.60
CA LYS B 74 -15.99 12.06 10.79
C LYS B 74 -17.31 12.11 10.03
N SER B 75 -17.90 13.30 9.92
CA SER B 75 -19.20 13.42 9.28
C SER B 75 -19.16 12.91 7.84
N THR B 76 -18.18 13.36 7.06
CA THR B 76 -18.02 12.92 5.69
C THR B 76 -17.05 11.76 5.56
N THR B 77 -16.50 11.26 6.66
CA THR B 77 -15.53 10.17 6.63
C THR B 77 -14.39 10.48 5.66
N THR B 78 -13.79 11.66 5.86
CA THR B 78 -12.71 12.14 5.01
C THR B 78 -11.50 12.47 5.87
N ALA B 79 -10.34 11.97 5.48
CA ALA B 79 -9.08 12.29 6.13
C ALA B 79 -8.31 13.29 5.28
N TYR B 80 -7.55 14.14 5.95
CA TYR B 80 -6.77 15.18 5.29
C TYR B 80 -5.33 15.11 5.74
N MET B 81 -4.41 15.46 4.84
CA MET B 81 -3.01 15.67 5.17
C MET B 81 -2.63 17.06 4.69
N GLU B 82 -2.13 17.89 5.59
CA GLU B 82 -1.74 19.26 5.28
C GLU B 82 -0.24 19.40 5.48
N LEU B 83 0.50 19.44 4.37
CA LEU B 83 1.95 19.57 4.40
C LEU B 83 2.30 21.03 4.13
N SER B 84 2.97 21.65 5.10
CA SER B 84 3.27 23.07 5.05
C SER B 84 4.74 23.31 4.70
N SER B 85 5.06 24.58 4.44
CA SER B 85 6.42 24.98 4.09
C SER B 85 6.96 24.11 2.96
N LEU B 86 6.15 23.94 1.92
CA LEU B 86 6.47 23.01 0.85
C LEU B 86 7.80 23.35 0.20
N ARG B 87 8.57 22.31 -0.09
CA ARG B 87 9.83 22.40 -0.81
C ARG B 87 9.71 21.62 -2.11
N SER B 88 10.61 21.90 -3.04
CA SER B 88 10.58 21.19 -4.31
C SER B 88 10.73 19.69 -4.11
N GLU B 89 11.43 19.28 -3.05
CA GLU B 89 11.60 17.85 -2.76
C GLU B 89 10.30 17.19 -2.33
N ASP B 90 9.27 17.96 -2.01
CA ASP B 90 7.99 17.38 -1.63
C ASP B 90 7.17 16.92 -2.83
N THR B 91 7.63 17.19 -4.05
CA THR B 91 6.98 16.67 -5.23
C THR B 91 6.93 15.14 -5.17
N ALA B 92 5.73 14.59 -5.15
CA ALA B 92 5.56 13.15 -5.03
C ALA B 92 4.08 12.82 -5.16
N VAL B 93 3.78 11.54 -5.29
CA VAL B 93 2.41 11.03 -5.27
C VAL B 93 2.09 10.65 -3.83
N TYR B 94 1.04 11.27 -3.27
CA TYR B 94 0.67 11.06 -1.88
C TYR B 94 -0.52 10.11 -1.82
N PHE B 95 -0.36 9.01 -1.09
CA PHE B 95 -1.38 8.00 -0.94
C PHE B 95 -1.95 8.03 0.47
N CYS B 96 -3.24 7.75 0.59
CA CYS B 96 -3.86 7.40 1.86
C CYS B 96 -4.09 5.89 1.88
N ALA B 97 -3.80 5.27 3.01
CA ALA B 97 -3.86 3.83 3.13
C ALA B 97 -4.51 3.45 4.44
N GLY B 98 -5.43 2.51 4.40
CA GLY B 98 -6.14 2.05 5.58
C GLY B 98 -5.45 0.86 6.21
N SER B 99 -5.34 0.89 7.52
CA SER B 99 -4.67 -0.20 8.24
C SER B 99 -5.44 -1.50 8.08
N LEU B 100 -4.71 -2.61 8.01
CA LEU B 100 -5.32 -3.92 7.90
C LEU B 100 -6.13 -4.27 9.15
N MET B 101 -5.75 -3.73 10.30
CA MET B 101 -6.27 -4.17 11.59
C MET B 101 -6.92 -3.01 12.33
N VAL B 102 -8.03 -3.32 13.01
CA VAL B 102 -8.68 -2.33 13.86
C VAL B 102 -7.75 -1.93 15.00
N THR B 103 -6.88 -2.83 15.44
CA THR B 103 -6.13 -2.66 16.67
C THR B 103 -4.73 -2.08 16.46
N THR B 104 -4.31 -1.84 15.22
CA THR B 104 -2.98 -1.30 14.99
C THR B 104 -2.96 -0.62 13.62
N GLY B 105 -1.98 0.26 13.44
CA GLY B 105 -1.95 1.11 12.26
C GLY B 105 -1.33 0.50 11.02
N ALA B 106 -0.58 -0.57 11.16
CA ALA B 106 0.11 -1.18 10.04
C ALA B 106 -0.10 -2.69 10.06
N PRO B 107 0.00 -3.35 8.90
CA PRO B 107 0.24 -2.81 7.55
C PRO B 107 -1.01 -2.22 6.93
N PHE B 108 -0.96 -1.88 5.64
CA PHE B 108 -2.06 -1.20 4.96
C PHE B 108 -2.64 -2.16 3.93
N ASP B 109 -3.89 -2.57 4.14
CA ASP B 109 -4.52 -3.54 3.25
C ASP B 109 -5.15 -2.89 2.03
N TYR B 110 -5.23 -1.57 1.96
CA TYR B 110 -5.84 -0.89 0.83
C TYR B 110 -5.30 0.52 0.75
N TRP B 111 -5.08 0.99 -0.48
CA TRP B 111 -4.48 2.28 -0.74
C TRP B 111 -5.39 3.10 -1.65
N GLY B 112 -5.33 4.42 -1.50
CA GLY B 112 -5.97 5.30 -2.45
C GLY B 112 -5.18 5.38 -3.74
N GLN B 113 -5.82 5.90 -4.79
CA GLN B 113 -5.18 5.93 -6.09
C GLN B 113 -4.01 6.91 -6.14
N GLY B 114 -3.86 7.76 -5.14
CA GLY B 114 -2.72 8.67 -5.08
C GLY B 114 -3.03 10.03 -5.63
N THR B 115 -2.41 11.05 -5.03
CA THR B 115 -2.56 12.44 -5.43
C THR B 115 -1.19 13.00 -5.80
N THR B 116 -1.02 13.35 -7.06
CA THR B 116 0.24 13.92 -7.51
C THR B 116 0.33 15.37 -7.07
N VAL B 117 1.34 15.69 -6.28
CA VAL B 117 1.59 17.05 -5.80
C VAL B 117 2.93 17.49 -6.39
N THR B 118 2.91 18.59 -7.13
CA THR B 118 4.10 19.13 -7.77
C THR B 118 4.42 20.47 -7.13
N VAL B 119 5.61 20.57 -6.53
CA VAL B 119 6.08 21.81 -5.91
C VAL B 119 7.16 22.39 -6.81
N SER B 120 6.89 23.57 -7.36
CA SER B 120 7.84 24.20 -8.26
C SER B 120 7.53 25.68 -8.35
N SER B 121 8.58 26.51 -8.37
CA SER B 121 8.41 27.94 -8.56
C SER B 121 8.06 28.29 -10.00
N ALA B 122 8.13 27.32 -10.92
CA ALA B 122 7.81 27.59 -12.31
C ALA B 122 6.32 27.93 -12.46
N SER B 123 6.02 28.68 -13.51
CA SER B 123 4.65 29.11 -13.81
C SER B 123 4.10 28.30 -14.97
N THR B 124 2.77 28.26 -15.06
CA THR B 124 2.12 27.51 -16.12
C THR B 124 2.58 28.02 -17.48
N LYS B 125 2.94 27.09 -18.35
CA LYS B 125 3.46 27.44 -19.67
C LYS B 125 3.06 26.35 -20.66
N GLY B 126 2.64 26.77 -21.85
CA GLY B 126 2.26 25.85 -22.89
C GLY B 126 3.46 25.21 -23.55
N PRO B 127 3.27 24.07 -24.19
CA PRO B 127 4.40 23.35 -24.80
C PRO B 127 4.79 23.95 -26.15
N SER B 128 6.09 24.00 -26.38
CA SER B 128 6.63 24.31 -27.69
C SER B 128 6.87 23.00 -28.43
N VAL B 129 6.17 22.81 -29.55
CA VAL B 129 6.19 21.55 -30.28
C VAL B 129 7.09 21.70 -31.49
N PHE B 130 8.04 20.77 -31.64
CA PHE B 130 8.96 20.75 -32.76
C PHE B 130 8.95 19.38 -33.41
N PRO B 131 9.20 19.30 -34.71
CA PRO B 131 9.21 18.00 -35.39
C PRO B 131 10.57 17.34 -35.39
N LEU B 132 10.57 16.03 -35.18
CA LEU B 132 11.77 15.21 -35.36
C LEU B 132 11.70 14.61 -36.76
N ALA B 133 12.08 15.41 -37.74
CA ALA B 133 11.88 15.04 -39.13
C ALA B 133 12.69 13.78 -39.47
N PRO B 134 12.11 12.83 -40.20
CA PRO B 134 12.85 11.62 -40.56
C PRO B 134 13.99 11.93 -41.51
N SER B 135 15.01 11.08 -41.47
CA SER B 135 16.14 11.18 -42.39
C SER B 135 15.82 10.37 -43.65
N SER B 136 16.82 10.21 -44.52
CA SER B 136 16.65 9.45 -45.75
C SER B 136 18.00 9.16 -46.39
N GLY B 142 13.30 -1.59 -43.34
CA GLY B 142 13.00 -0.38 -44.08
C GLY B 142 12.02 0.53 -43.37
N THR B 143 12.24 0.72 -42.07
CA THR B 143 11.38 1.55 -41.24
C THR B 143 12.07 2.87 -40.92
N ALA B 144 11.38 3.98 -41.17
CA ALA B 144 11.86 5.30 -40.82
C ALA B 144 11.17 5.76 -39.55
N ALA B 145 11.86 6.59 -38.77
CA ALA B 145 11.38 7.05 -37.47
C ALA B 145 10.93 8.49 -37.57
N LEU B 146 9.68 8.73 -37.19
CA LEU B 146 9.14 10.07 -37.00
C LEU B 146 9.12 10.40 -35.52
N GLY B 147 8.95 11.68 -35.22
CA GLY B 147 8.94 12.09 -33.82
C GLY B 147 8.33 13.46 -33.64
N CYS B 148 8.28 13.87 -32.38
CA CYS B 148 7.67 15.14 -32.00
C CYS B 148 8.24 15.55 -30.67
N LEU B 149 8.96 16.66 -30.64
CA LEU B 149 9.63 17.13 -29.43
C LEU B 149 8.73 18.15 -28.74
N VAL B 150 8.07 17.70 -27.67
CA VAL B 150 7.26 18.59 -26.84
C VAL B 150 8.15 19.09 -25.71
N LYS B 151 8.47 20.38 -25.76
CA LYS B 151 9.49 20.95 -24.89
C LYS B 151 8.95 22.16 -24.14
N ASP B 152 9.48 22.39 -22.95
CA ASP B 152 9.25 23.60 -22.18
C ASP B 152 7.76 23.82 -21.90
N TYR B 153 7.19 22.89 -21.13
CA TYR B 153 5.82 23.02 -20.67
C TYR B 153 5.75 22.72 -19.17
N PHE B 154 4.80 23.38 -18.51
CA PHE B 154 4.55 23.16 -17.10
C PHE B 154 3.12 23.57 -16.82
N PRO B 155 2.39 22.85 -15.96
CA PRO B 155 2.76 21.61 -15.26
C PRO B 155 2.46 20.36 -16.10
N GLU B 156 2.81 19.19 -15.59
CA GLU B 156 2.41 17.95 -16.23
C GLU B 156 0.91 17.74 -16.04
N PRO B 157 0.29 16.88 -16.86
CA PRO B 157 0.86 16.10 -17.97
C PRO B 157 0.59 16.73 -19.33
N VAL B 158 1.20 16.17 -20.37
CA VAL B 158 0.91 16.53 -21.76
C VAL B 158 0.57 15.25 -22.51
N THR B 159 -0.51 15.28 -23.27
CA THR B 159 -0.96 14.12 -24.02
C THR B 159 -0.60 14.29 -25.48
N VAL B 160 -0.02 13.25 -26.07
CA VAL B 160 0.42 13.28 -27.47
C VAL B 160 -0.21 12.10 -28.19
N SER B 161 -0.86 12.37 -29.32
CA SER B 161 -1.42 11.35 -30.17
C SER B 161 -1.08 11.67 -31.62
N TRP B 162 -1.03 10.63 -32.44
CA TRP B 162 -0.62 10.75 -33.83
C TRP B 162 -1.80 10.52 -34.74
N ASN B 163 -2.04 11.47 -35.64
CA ASN B 163 -3.18 11.40 -36.56
C ASN B 163 -4.48 11.21 -35.81
N SER B 164 -4.62 11.92 -34.69
CA SER B 164 -5.85 11.90 -33.90
C SER B 164 -6.22 10.49 -33.47
N GLY B 165 -5.22 9.63 -33.27
CA GLY B 165 -5.44 8.26 -32.88
C GLY B 165 -5.43 7.27 -34.02
N ALA B 166 -5.41 7.74 -35.27
CA ALA B 166 -5.39 6.85 -36.41
C ALA B 166 -4.09 6.08 -36.54
N LEU B 167 -3.05 6.45 -35.79
CA LEU B 167 -1.75 5.79 -35.85
C LEU B 167 -1.30 5.52 -34.42
N THR B 168 -1.48 4.28 -33.96
CA THR B 168 -1.04 3.86 -32.64
C THR B 168 0.05 2.80 -32.68
N SER B 169 0.23 2.10 -33.79
CA SER B 169 1.27 1.09 -33.89
C SER B 169 2.65 1.74 -33.91
N GLY B 170 3.56 1.20 -33.09
CA GLY B 170 4.92 1.69 -33.06
C GLY B 170 5.10 3.05 -32.41
N VAL B 171 4.06 3.59 -31.81
CA VAL B 171 4.15 4.91 -31.17
C VAL B 171 4.75 4.75 -29.79
N HIS B 172 5.78 5.54 -29.49
CA HIS B 172 6.43 5.54 -28.19
C HIS B 172 6.44 6.97 -27.67
N THR B 173 5.73 7.21 -26.58
CA THR B 173 5.72 8.50 -25.90
C THR B 173 6.52 8.35 -24.62
N PHE B 174 7.67 9.00 -24.56
CA PHE B 174 8.57 8.81 -23.43
C PHE B 174 8.11 9.63 -22.23
N PRO B 175 8.45 9.20 -21.02
CA PRO B 175 8.13 10.01 -19.84
C PRO B 175 8.79 11.38 -19.92
N ALA B 176 8.07 12.39 -19.40
CA ALA B 176 8.61 13.74 -19.36
C ALA B 176 9.80 13.82 -18.42
N VAL B 177 10.73 14.71 -18.72
CA VAL B 177 11.93 14.93 -17.93
C VAL B 177 11.91 16.38 -17.44
N LEU B 178 12.11 16.57 -16.15
CA LEU B 178 12.19 17.91 -15.58
C LEU B 178 13.57 18.49 -15.85
N GLN B 179 13.61 19.63 -16.54
CA GLN B 179 14.87 20.23 -16.98
C GLN B 179 15.34 21.29 -15.99
N SER B 180 16.56 21.76 -16.20
CA SER B 180 17.13 22.77 -15.32
C SER B 180 16.28 24.03 -15.27
N SER B 181 15.57 24.33 -16.36
CA SER B 181 14.70 25.50 -16.40
C SER B 181 13.48 25.35 -15.50
N GLY B 182 13.24 24.17 -14.94
CA GLY B 182 12.04 23.91 -14.18
C GLY B 182 10.85 23.50 -15.01
N LEU B 183 10.98 23.45 -16.33
CA LEU B 183 9.91 23.05 -17.23
C LEU B 183 10.11 21.60 -17.65
N TYR B 184 9.01 20.96 -18.03
CA TYR B 184 9.04 19.58 -18.48
C TYR B 184 9.19 19.51 -19.99
N SER B 185 9.87 18.47 -20.45
CA SER B 185 10.06 18.21 -21.86
C SER B 185 9.73 16.76 -22.15
N LEU B 186 9.17 16.51 -23.33
CA LEU B 186 8.71 15.19 -23.70
C LEU B 186 8.90 15.00 -25.19
N SER B 187 9.20 13.76 -25.57
CA SER B 187 9.34 13.38 -26.98
C SER B 187 8.44 12.19 -27.26
N SER B 188 7.76 12.23 -28.39
CA SER B 188 6.93 11.12 -28.85
C SER B 188 7.38 10.73 -30.24
N VAL B 189 7.61 9.44 -30.46
CA VAL B 189 8.18 8.94 -31.70
C VAL B 189 7.32 7.80 -32.23
N VAL B 190 7.43 7.57 -33.53
CA VAL B 190 6.72 6.49 -34.20
C VAL B 190 7.55 6.05 -35.40
N THR B 191 7.51 4.75 -35.69
CA THR B 191 8.25 4.18 -36.80
C THR B 191 7.25 3.74 -37.87
N VAL B 192 7.46 4.23 -39.09
CA VAL B 192 6.59 3.90 -40.22
C VAL B 192 7.48 3.51 -41.40
N PRO B 193 6.93 2.78 -42.37
CA PRO B 193 7.73 2.42 -43.55
C PRO B 193 8.28 3.66 -44.23
N SER B 194 9.55 3.58 -44.62
CA SER B 194 10.19 4.72 -45.27
C SER B 194 9.49 5.08 -46.58
N SER B 195 8.97 4.09 -47.29
CA SER B 195 8.27 4.36 -48.55
C SER B 195 7.02 5.21 -48.30
N SER B 196 6.31 4.96 -47.20
CA SER B 196 5.07 5.68 -46.93
C SER B 196 5.28 7.17 -46.71
N LEU B 197 6.51 7.59 -46.40
CA LEU B 197 6.75 9.01 -46.14
C LEU B 197 6.34 9.88 -47.31
N GLY B 198 6.48 9.37 -48.54
CA GLY B 198 6.07 10.10 -49.72
C GLY B 198 4.59 10.01 -50.04
N THR B 199 3.82 9.28 -49.24
CA THR B 199 2.39 9.08 -49.48
C THR B 199 1.53 9.65 -48.37
N GLN B 200 1.86 9.40 -47.12
CA GLN B 200 1.04 9.78 -45.98
C GLN B 200 1.65 10.98 -45.26
N THR B 201 0.77 11.78 -44.64
CA THR B 201 1.17 12.89 -43.80
C THR B 201 0.88 12.54 -42.34
N TYR B 202 1.84 12.84 -41.47
CA TYR B 202 1.75 12.50 -40.05
C TYR B 202 1.63 13.78 -39.24
N ILE B 203 0.66 13.81 -38.33
CA ILE B 203 0.35 15.00 -37.54
C ILE B 203 0.56 14.65 -36.07
N CYS B 204 1.35 15.46 -35.38
CA CYS B 204 1.57 15.31 -33.95
C CYS B 204 0.55 16.15 -33.20
N ASN B 205 -0.40 15.48 -32.54
CA ASN B 205 -1.46 16.15 -31.80
C ASN B 205 -1.06 16.22 -30.34
N VAL B 206 -0.76 17.42 -29.87
CA VAL B 206 -0.30 17.65 -28.50
C VAL B 206 -1.34 18.47 -27.77
N ASN B 207 -1.85 17.95 -26.66
CA ASN B 207 -2.83 18.64 -25.84
C ASN B 207 -2.25 18.85 -24.45
N HIS B 208 -2.30 20.10 -23.97
CA HIS B 208 -1.84 20.48 -22.64
C HIS B 208 -3.00 21.19 -21.95
N LYS B 209 -3.87 20.41 -21.31
CA LYS B 209 -5.04 20.98 -20.67
C LYS B 209 -4.71 22.06 -19.64
N PRO B 210 -3.68 21.91 -18.81
CA PRO B 210 -3.40 22.96 -17.81
C PRO B 210 -3.23 24.35 -18.42
N SER B 211 -2.74 24.43 -19.66
CA SER B 211 -2.61 25.70 -20.35
C SER B 211 -3.66 25.90 -21.42
N ASN B 212 -4.54 24.91 -21.63
CA ASN B 212 -5.57 24.99 -22.66
C ASN B 212 -4.96 25.25 -24.03
N THR B 213 -3.80 24.65 -24.27
CA THR B 213 -3.07 24.80 -25.54
C THR B 213 -3.15 23.49 -26.31
N LYS B 214 -3.49 23.58 -27.59
CA LYS B 214 -3.56 22.43 -28.48
C LYS B 214 -2.71 22.74 -29.70
N VAL B 215 -1.75 21.87 -30.00
CA VAL B 215 -0.80 22.07 -31.09
C VAL B 215 -0.85 20.85 -32.00
N ASP B 216 -0.98 21.09 -33.31
CA ASP B 216 -0.96 20.04 -34.32
C ASP B 216 0.17 20.36 -35.29
N LYS B 217 1.24 19.58 -35.23
CA LYS B 217 2.45 19.84 -36.01
C LYS B 217 2.66 18.68 -36.98
N ARG B 218 2.68 18.99 -38.28
CA ARG B 218 2.96 17.98 -39.29
C ARG B 218 4.44 17.67 -39.31
N VAL B 219 4.77 16.40 -39.53
CA VAL B 219 6.16 15.93 -39.59
C VAL B 219 6.43 15.47 -41.00
N GLU B 220 7.36 16.14 -41.67
CA GLU B 220 7.78 15.81 -43.02
C GLU B 220 9.28 15.94 -43.12
N PRO B 221 9.91 15.26 -44.09
CA PRO B 221 11.36 15.37 -44.27
C PRO B 221 11.84 16.81 -44.39
N ILE C 372 -8.89 -2.20 6.39
CA ILE C 372 -10.25 -1.68 6.10
C ILE C 372 -11.01 -2.62 5.17
N VAL C 373 -10.30 -3.60 4.63
CA VAL C 373 -10.90 -4.61 3.76
C VAL C 373 -11.11 -5.88 4.58
N GLY C 374 -11.93 -6.78 4.05
CA GLY C 374 -12.21 -8.04 4.69
C GLY C 374 -13.55 -8.08 5.41
N GLY C 375 -14.13 -6.93 5.70
CA GLY C 375 -15.41 -6.88 6.39
C GLY C 375 -15.33 -7.40 7.80
N THR C 376 -16.06 -8.46 8.11
CA THR C 376 -16.05 -9.06 9.43
C THR C 376 -14.90 -10.04 9.63
N ASN C 377 -14.23 -10.46 8.55
CA ASN C 377 -13.12 -11.39 8.69
C ASN C 377 -11.95 -10.71 9.39
N SER C 378 -11.37 -11.40 10.36
CA SER C 378 -10.25 -10.88 11.12
C SER C 378 -8.93 -11.31 10.51
N SER C 379 -7.84 -10.71 11.01
CA SER C 379 -6.50 -10.98 10.55
C SER C 379 -5.67 -11.55 11.70
N TRP C 380 -4.62 -12.28 11.34
CA TRP C 380 -3.72 -12.83 12.35
C TRP C 380 -3.17 -11.72 13.21
N GLY C 381 -3.26 -11.89 14.53
CA GLY C 381 -2.72 -10.94 15.47
C GLY C 381 -3.57 -9.72 15.69
N GLU C 382 -4.72 -9.61 15.02
CA GLU C 382 -5.59 -8.45 15.21
C GLU C 382 -6.23 -8.46 16.60
N TRP C 383 -6.64 -9.64 17.06
CA TRP C 383 -7.25 -9.80 18.39
C TRP C 383 -6.47 -10.88 19.12
N PRO C 384 -5.23 -10.58 19.51
CA PRO C 384 -4.38 -11.63 20.09
C PRO C 384 -4.91 -12.19 21.40
N TRP C 385 -5.75 -11.44 22.11
CA TRP C 385 -6.32 -11.95 23.37
C TRP C 385 -7.39 -12.99 23.14
N GLN C 386 -7.92 -13.10 21.93
CA GLN C 386 -9.00 -14.05 21.65
C GLN C 386 -8.50 -15.47 21.82
N VAL C 387 -9.23 -16.27 22.59
CA VAL C 387 -8.93 -17.68 22.77
C VAL C 387 -10.20 -18.48 22.48
N SER C 388 -10.01 -19.74 22.13
CA SER C 388 -11.10 -20.66 21.82
C SER C 388 -11.13 -21.76 22.87
N LEU C 389 -12.30 -21.95 23.49
CA LEU C 389 -12.51 -23.01 24.46
C LEU C 389 -13.19 -24.18 23.76
N GLN C 390 -12.58 -25.35 23.82
CA GLN C 390 -13.09 -26.53 23.13
C GLN C 390 -13.02 -27.73 24.04
N VAL C 391 -13.88 -28.71 23.77
CA VAL C 391 -13.97 -29.93 24.55
C VAL C 391 -13.89 -31.11 23.60
N LYS C 392 -13.06 -32.09 23.95
CA LYS C 392 -12.86 -33.29 23.13
C LYS C 392 -13.51 -34.46 23.84
N LEU C 393 -14.81 -34.66 23.58
CA LEU C 393 -15.52 -35.81 24.11
C LEU C 393 -15.51 -36.97 23.10
N THR C 394 -16.09 -36.76 21.94
CA THR C 394 -16.00 -37.67 20.81
C THR C 394 -15.41 -37.01 19.58
N ALA C 395 -15.92 -35.83 19.21
CA ALA C 395 -15.37 -35.02 18.14
C ALA C 395 -15.18 -33.60 18.66
N GLN C 396 -13.94 -33.15 18.73
CA GLN C 396 -13.64 -31.85 19.31
C GLN C 396 -14.33 -30.75 18.52
N ARG C 397 -14.96 -29.83 19.24
CA ARG C 397 -15.68 -28.73 18.62
C ARG C 397 -15.53 -27.49 19.49
N HIS C 398 -15.68 -26.33 18.85
CA HIS C 398 -15.60 -25.05 19.56
C HIS C 398 -16.90 -24.79 20.30
N LEU C 399 -16.79 -24.42 21.57
CA LEU C 399 -17.95 -24.12 22.40
C LEU C 399 -18.05 -22.66 22.82
N CYS C 400 -16.96 -22.07 23.28
CA CYS C 400 -17.00 -20.72 23.81
C CYS C 400 -15.70 -20.01 23.49
N GLY C 401 -15.77 -18.68 23.46
CA GLY C 401 -14.60 -17.84 23.37
C GLY C 401 -14.17 -17.35 24.75
N GLY C 402 -13.00 -16.72 24.78
CA GLY C 402 -12.49 -16.19 26.02
C GLY C 402 -11.47 -15.12 25.76
N SER C 403 -11.16 -14.37 26.82
CA SER C 403 -10.18 -13.30 26.77
C SER C 403 -8.97 -13.70 27.61
N LEU C 404 -7.80 -13.71 26.98
CA LEU C 404 -6.57 -13.89 27.72
C LEU C 404 -6.25 -12.60 28.46
N ILE C 405 -6.28 -12.66 29.80
CA ILE C 405 -6.01 -11.49 30.64
C ILE C 405 -4.68 -11.59 31.36
N GLY C 406 -3.97 -12.70 31.22
CA GLY C 406 -2.68 -12.87 31.85
C GLY C 406 -1.99 -14.08 31.27
N HIS C 407 -0.79 -14.34 31.80
CA HIS C 407 -0.03 -15.49 31.32
C HIS C 407 -0.78 -16.79 31.59
N GLN C 408 -1.40 -16.91 32.77
CA GLN C 408 -2.09 -18.13 33.17
C GLN C 408 -3.60 -17.97 33.27
N TRP C 409 -4.14 -16.78 33.01
CA TRP C 409 -5.52 -16.47 33.32
C TRP C 409 -6.31 -16.17 32.05
N VAL C 410 -7.50 -16.78 31.95
CA VAL C 410 -8.43 -16.55 30.85
C VAL C 410 -9.79 -16.22 31.45
N LEU C 411 -10.43 -15.19 30.92
CA LEU C 411 -11.72 -14.71 31.40
C LEU C 411 -12.79 -15.06 30.39
N THR C 412 -13.87 -15.68 30.86
CA THR C 412 -14.95 -16.11 29.98
C THR C 412 -16.26 -16.08 30.75
N ALA C 413 -17.32 -16.58 30.12
CA ALA C 413 -18.64 -16.62 30.73
C ALA C 413 -18.84 -17.91 31.50
N ALA C 414 -19.54 -17.81 32.64
CA ALA C 414 -19.74 -18.98 33.49
C ALA C 414 -20.61 -20.04 32.82
N HIS C 415 -21.62 -19.61 32.07
CA HIS C 415 -22.59 -20.57 31.55
C HIS C 415 -21.97 -21.54 30.55
N CYS C 416 -20.76 -21.28 30.06
CA CYS C 416 -20.10 -22.24 29.18
C CYS C 416 -19.84 -23.57 29.87
N PHE C 417 -19.75 -23.57 31.20
CA PHE C 417 -19.43 -24.77 31.97
C PHE C 417 -20.67 -25.47 32.51
N ASP C 418 -21.86 -25.01 32.16
CA ASP C 418 -23.08 -25.68 32.61
C ASP C 418 -23.14 -27.09 32.06
N GLY C 419 -23.04 -28.09 32.92
CA GLY C 419 -23.02 -29.48 32.53
C GLY C 419 -21.66 -30.00 32.13
N LEU C 420 -20.64 -29.15 32.08
CA LEU C 420 -19.27 -29.54 31.75
C LEU C 420 -18.32 -28.99 32.80
N PRO C 421 -18.44 -29.47 34.04
CA PRO C 421 -17.57 -28.95 35.10
C PRO C 421 -16.17 -29.53 35.10
N LEU C 422 -15.97 -30.71 34.53
CA LEU C 422 -14.67 -31.35 34.57
C LEU C 422 -13.64 -30.56 33.79
N GLN C 423 -12.46 -30.37 34.39
CA GLN C 423 -11.38 -29.65 33.73
C GLN C 423 -10.58 -30.51 32.76
N ASP C 424 -10.77 -31.83 32.79
CA ASP C 424 -9.96 -32.71 31.97
C ASP C 424 -10.30 -32.60 30.49
N VAL C 425 -11.56 -32.28 30.17
CA VAL C 425 -11.99 -32.28 28.77
C VAL C 425 -11.74 -30.97 28.05
N TRP C 426 -11.50 -29.88 28.78
CA TRP C 426 -11.40 -28.56 28.15
C TRP C 426 -10.03 -28.36 27.53
N ARG C 427 -10.03 -27.89 26.28
CA ARG C 427 -8.83 -27.46 25.58
C ARG C 427 -8.99 -26.01 25.19
N ILE C 428 -7.94 -25.22 25.40
CA ILE C 428 -7.96 -23.79 25.14
C ILE C 428 -6.88 -23.46 24.14
N TYR C 429 -7.25 -22.77 23.06
CA TYR C 429 -6.34 -22.40 21.99
C TYR C 429 -6.21 -20.89 21.96
N SER C 430 -4.96 -20.40 22.01
CA SER C 430 -4.66 -18.99 21.89
C SER C 430 -3.84 -18.76 20.63
N GLY C 431 -3.81 -17.51 20.18
CA GLY C 431 -3.14 -17.20 18.94
C GLY C 431 -3.68 -17.99 17.77
N ILE C 432 -5.01 -18.12 17.69
CA ILE C 432 -5.68 -18.93 16.69
C ILE C 432 -6.68 -18.05 15.96
N LEU C 433 -6.65 -18.09 14.64
CA LEU C 433 -7.56 -17.33 13.79
C LEU C 433 -8.57 -18.22 13.07
N ASN C 434 -8.09 -19.30 12.47
CA ASN C 434 -8.90 -20.20 11.65
C ASN C 434 -9.08 -21.50 12.39
N LEU C 435 -10.28 -21.72 12.94
CA LEU C 435 -10.51 -22.91 13.75
C LEU C 435 -10.33 -24.19 12.94
N SER C 436 -10.57 -24.14 11.63
CA SER C 436 -10.39 -25.32 10.81
C SER C 436 -8.93 -25.74 10.72
N ASP C 437 -8.00 -24.82 10.99
CA ASP C 437 -6.59 -25.15 11.00
C ASP C 437 -6.15 -25.88 12.27
N ILE C 438 -7.02 -25.98 13.27
CA ILE C 438 -6.67 -26.70 14.48
C ILE C 438 -6.54 -28.18 14.17
N THR C 439 -5.44 -28.78 14.60
CA THR C 439 -5.18 -30.20 14.41
C THR C 439 -4.70 -30.79 15.73
N LYS C 440 -4.58 -32.12 15.76
CA LYS C 440 -4.11 -32.79 16.97
C LYS C 440 -2.74 -32.27 17.38
N ASP C 441 -1.90 -31.91 16.40
CA ASP C 441 -0.58 -31.39 16.69
C ASP C 441 -0.62 -29.94 17.19
N THR C 442 -1.74 -29.26 17.01
CA THR C 442 -1.82 -27.85 17.41
C THR C 442 -1.69 -27.72 18.92
N PRO C 443 -0.80 -26.87 19.42
CA PRO C 443 -0.69 -26.72 20.88
C PRO C 443 -1.96 -26.15 21.49
N PHE C 444 -2.22 -26.53 22.73
CA PHE C 444 -3.39 -26.07 23.46
C PHE C 444 -3.07 -26.01 24.94
N SER C 445 -3.88 -25.25 25.66
CA SER C 445 -3.73 -25.07 27.11
C SER C 445 -4.82 -25.84 27.84
N GLN C 446 -4.43 -26.53 28.90
CA GLN C 446 -5.35 -27.30 29.71
C GLN C 446 -5.74 -26.51 30.95
N ILE C 447 -7.01 -26.59 31.33
CA ILE C 447 -7.51 -25.84 32.47
C ILE C 447 -6.97 -26.44 33.76
N LYS C 448 -6.48 -25.58 34.65
CA LYS C 448 -6.03 -25.99 35.98
C LYS C 448 -7.04 -25.66 37.07
N GLU C 449 -7.85 -24.62 36.87
CA GLU C 449 -8.83 -24.22 37.86
C GLU C 449 -9.93 -23.42 37.18
N ILE C 450 -11.18 -23.75 37.49
CA ILE C 450 -12.34 -23.06 36.94
C ILE C 450 -12.99 -22.29 38.09
N ILE C 451 -12.79 -20.98 38.13
CA ILE C 451 -13.31 -20.14 39.19
C ILE C 451 -14.56 -19.46 38.65
N ILE C 452 -15.71 -20.10 38.85
CA ILE C 452 -16.99 -19.50 38.51
C ILE C 452 -17.41 -18.58 39.64
N HIS C 453 -18.03 -17.46 39.31
CA HIS C 453 -18.46 -16.52 40.32
C HIS C 453 -19.41 -17.20 41.30
N GLN C 454 -19.15 -17.02 42.60
CA GLN C 454 -19.92 -17.72 43.61
C GLN C 454 -21.41 -17.42 43.48
N ASN C 455 -21.77 -16.21 43.08
CA ASN C 455 -23.16 -15.83 42.98
C ASN C 455 -23.83 -16.35 41.72
N TYR C 456 -23.08 -16.88 40.77
CA TYR C 456 -23.67 -17.39 39.54
C TYR C 456 -24.53 -18.62 39.82
N LYS C 457 -25.64 -18.72 39.12
CA LYS C 457 -26.52 -19.88 39.19
C LYS C 457 -26.87 -20.30 37.77
N VAL C 458 -26.92 -21.63 37.55
CA VAL C 458 -27.18 -22.14 36.21
C VAL C 458 -28.54 -21.65 35.70
N SER C 459 -29.54 -21.62 36.58
CA SER C 459 -30.88 -21.21 36.18
C SER C 459 -30.97 -19.74 35.82
N GLU C 460 -29.95 -18.94 36.14
CA GLU C 460 -30.00 -17.50 35.93
C GLU C 460 -28.76 -17.04 35.17
N GLY C 461 -28.90 -15.91 34.49
CA GLY C 461 -27.80 -15.34 33.72
C GLY C 461 -27.00 -14.30 34.46
N ASN C 462 -27.45 -13.93 35.65
CA ASN C 462 -26.75 -12.92 36.44
C ASN C 462 -25.40 -13.44 36.91
N HIS C 463 -24.41 -12.54 36.95
CA HIS C 463 -23.07 -12.87 37.42
C HIS C 463 -22.43 -13.95 36.56
N ASP C 464 -22.59 -13.82 35.23
CA ASP C 464 -22.09 -14.82 34.29
C ASP C 464 -20.64 -14.50 33.92
N ILE C 465 -19.77 -14.61 34.92
CA ILE C 465 -18.33 -14.38 34.75
C ILE C 465 -17.59 -15.53 35.39
N ALA C 466 -16.63 -16.10 34.67
CA ALA C 466 -15.83 -17.21 35.16
C ALA C 466 -14.36 -16.98 34.82
N LEU C 467 -13.49 -17.45 35.71
CA LEU C 467 -12.05 -17.34 35.55
C LEU C 467 -11.46 -18.72 35.32
N ILE C 468 -10.57 -18.83 34.33
CA ILE C 468 -9.88 -20.07 34.00
C ILE C 468 -8.39 -19.87 34.26
N LYS C 469 -7.79 -20.79 35.00
CA LYS C 469 -6.36 -20.80 35.23
C LYS C 469 -5.73 -21.91 34.40
N LEU C 470 -4.76 -21.55 33.57
CA LEU C 470 -4.12 -22.49 32.68
C LEU C 470 -3.02 -23.25 33.41
N GLN C 471 -2.86 -24.53 33.06
CA GLN C 471 -1.86 -25.36 33.73
C GLN C 471 -0.46 -24.81 33.54
N ALA C 472 -0.17 -24.23 32.38
CA ALA C 472 1.15 -23.69 32.09
C ALA C 472 1.04 -22.25 31.61
N PRO C 473 1.91 -21.36 32.07
CA PRO C 473 1.87 -19.98 31.58
C PRO C 473 2.08 -19.91 30.08
N LEU C 474 1.36 -19.01 29.44
CA LEU C 474 1.51 -18.77 28.01
C LEU C 474 2.54 -17.69 27.74
N ASN C 475 3.25 -17.82 26.63
CA ASN C 475 4.18 -16.81 26.17
C ASN C 475 3.46 -15.81 25.30
N TYR C 476 3.64 -14.52 25.59
CA TYR C 476 3.08 -13.49 24.74
C TYR C 476 3.87 -13.41 23.43
N THR C 477 3.15 -13.38 22.32
CA THR C 477 3.76 -13.32 20.99
C THR C 477 3.00 -12.29 20.17
N GLU C 478 3.30 -12.24 18.87
CA GLU C 478 2.55 -11.36 17.98
C GLU C 478 1.10 -11.78 17.86
N PHE C 479 0.78 -13.04 18.15
CA PHE C 479 -0.57 -13.56 18.04
C PHE C 479 -1.22 -13.83 19.38
N GLN C 480 -0.46 -13.83 20.47
CA GLN C 480 -0.97 -14.08 21.81
C GLN C 480 -0.55 -12.92 22.71
N LYS C 481 -1.52 -12.13 23.14
CA LYS C 481 -1.27 -11.03 24.05
C LYS C 481 -2.45 -10.89 24.99
N PRO C 482 -2.25 -10.39 26.19
CA PRO C 482 -3.37 -10.15 27.10
C PRO C 482 -4.12 -8.87 26.75
N ILE C 483 -5.36 -8.82 27.20
CA ILE C 483 -6.21 -7.64 27.03
C ILE C 483 -6.28 -6.91 28.36
N CYS C 484 -6.03 -5.61 28.35
CA CYS C 484 -6.06 -4.83 29.58
C CYS C 484 -7.47 -4.78 30.14
N LEU C 485 -7.57 -4.88 31.45
CA LEU C 485 -8.87 -4.82 32.10
C LEU C 485 -9.19 -3.39 32.53
N PRO C 486 -10.48 -3.03 32.57
CA PRO C 486 -10.83 -1.67 33.00
C PRO C 486 -10.51 -1.44 34.46
N SER C 487 -10.20 -0.18 34.78
CA SER C 487 -9.95 0.19 36.15
C SER C 487 -11.27 0.23 36.93
N LYS C 488 -11.14 0.24 38.26
CA LYS C 488 -12.34 0.24 39.11
C LYS C 488 -13.23 1.43 38.81
N GLY C 489 -12.62 2.58 38.51
CA GLY C 489 -13.39 3.78 38.22
C GLY C 489 -14.04 3.82 36.85
N ASP C 490 -13.74 2.85 36.00
CA ASP C 490 -14.28 2.82 34.63
C ASP C 490 -15.66 2.17 34.56
N THR C 491 -16.39 2.09 35.66
CA THR C 491 -17.73 1.51 35.63
C THR C 491 -18.73 2.45 34.97
N SER C 492 -18.50 3.76 35.05
CA SER C 492 -19.45 4.75 34.54
C SER C 492 -19.05 5.35 33.20
N THR C 493 -17.82 5.15 32.75
CA THR C 493 -17.37 5.75 31.51
C THR C 493 -18.15 5.19 30.32
N ILE C 494 -18.22 5.99 29.26
CA ILE C 494 -18.95 5.65 28.04
C ILE C 494 -17.95 5.30 26.96
N TYR C 495 -18.23 4.23 26.23
CA TYR C 495 -17.37 3.75 25.15
C TYR C 495 -18.06 3.95 23.81
N THR C 496 -17.28 4.35 22.81
CA THR C 496 -17.79 4.65 21.49
C THR C 496 -17.25 3.76 20.38
N ASN C 497 -16.07 3.16 20.57
CA ASN C 497 -15.46 2.29 19.57
C ASN C 497 -15.33 0.90 20.19
N CYS C 498 -16.38 0.11 20.06
CA CYS C 498 -16.46 -1.21 20.68
C CYS C 498 -16.57 -2.30 19.62
N TRP C 499 -16.01 -3.45 19.92
CA TRP C 499 -15.98 -4.59 19.01
C TRP C 499 -16.20 -5.87 19.79
N VAL C 500 -16.85 -6.83 19.12
CA VAL C 500 -17.02 -8.18 19.65
C VAL C 500 -16.48 -9.15 18.61
N THR C 501 -15.71 -10.13 19.07
CA THR C 501 -15.05 -11.06 18.17
C THR C 501 -15.33 -12.49 18.59
N GLY C 502 -15.51 -13.36 17.60
CA GLY C 502 -15.77 -14.76 17.88
C GLY C 502 -15.99 -15.51 16.60
N TRP C 503 -16.13 -16.82 16.75
CA TRP C 503 -16.42 -17.72 15.64
C TRP C 503 -17.89 -18.15 15.66
N GLY C 504 -18.79 -17.22 15.87
CA GLY C 504 -20.19 -17.53 16.09
C GLY C 504 -20.85 -18.30 14.96
N PHE C 505 -22.16 -18.50 15.04
CA PHE C 505 -22.92 -19.36 14.14
C PHE C 505 -23.70 -18.50 13.14
N SER C 506 -24.34 -19.16 12.19
CA SER C 506 -25.11 -18.46 11.16
C SER C 506 -26.47 -19.13 11.00
N GLU C 511 -23.44 -23.72 11.72
CA GLU C 511 -22.03 -24.09 11.79
C GLU C 511 -21.21 -23.01 12.47
N ILE C 512 -19.92 -23.26 12.60
CA ILE C 512 -18.97 -22.31 13.18
C ILE C 512 -18.17 -21.68 12.06
N GLN C 513 -18.08 -20.35 12.04
CA GLN C 513 -17.31 -19.69 11.00
C GLN C 513 -15.84 -20.00 11.22
N ASN C 514 -15.14 -20.39 10.16
CA ASN C 514 -13.75 -20.79 10.30
C ASN C 514 -12.90 -19.63 10.78
N ILE C 515 -13.03 -18.48 10.13
CA ILE C 515 -12.19 -17.32 10.42
C ILE C 515 -12.82 -16.53 11.57
N LEU C 516 -11.97 -16.09 12.50
CA LEU C 516 -12.43 -15.25 13.60
C LEU C 516 -13.10 -14.00 13.06
N GLN C 517 -14.32 -13.73 13.52
CA GLN C 517 -15.11 -12.62 13.04
C GLN C 517 -14.99 -11.43 13.98
N LYS C 518 -15.16 -10.23 13.43
CA LYS C 518 -15.17 -8.99 14.19
C LYS C 518 -16.38 -8.17 13.78
N VAL C 519 -17.07 -7.60 14.77
CA VAL C 519 -18.25 -6.79 14.53
C VAL C 519 -18.16 -5.54 15.38
N ASN C 520 -18.35 -4.38 14.76
CA ASN C 520 -18.41 -3.11 15.47
C ASN C 520 -19.85 -2.86 15.88
N ILE C 521 -20.12 -2.91 17.17
CA ILE C 521 -21.46 -2.76 17.72
C ILE C 521 -21.46 -1.59 18.68
N PRO C 522 -22.44 -0.69 18.62
CA PRO C 522 -22.52 0.39 19.61
C PRO C 522 -23.10 -0.09 20.94
N LEU C 523 -22.67 0.56 22.01
CA LEU C 523 -23.18 0.27 23.34
C LEU C 523 -24.45 1.07 23.59
N VAL C 524 -25.33 0.49 24.40
CA VAL C 524 -26.62 1.10 24.75
C VAL C 524 -26.73 1.16 26.26
N THR C 525 -27.31 2.25 26.76
CA THR C 525 -27.46 2.43 28.19
C THR C 525 -28.39 1.37 28.77
N ASN C 526 -28.20 1.08 30.06
CA ASN C 526 -29.04 0.10 30.73
C ASN C 526 -30.51 0.51 30.70
N GLU C 527 -30.78 1.80 30.91
CA GLU C 527 -32.16 2.28 30.90
C GLU C 527 -32.80 2.07 29.53
N GLU C 528 -32.06 2.35 28.46
CA GLU C 528 -32.61 2.14 27.12
C GLU C 528 -32.71 0.66 26.79
N CYS C 529 -31.82 -0.17 27.35
CA CYS C 529 -31.84 -1.58 27.04
C CYS C 529 -33.01 -2.30 27.70
N GLN C 530 -33.34 -1.91 28.94
CA GLN C 530 -34.40 -2.60 29.67
C GLN C 530 -35.73 -2.55 28.94
N LYS C 531 -35.92 -1.56 28.05
CA LYS C 531 -37.20 -1.45 27.36
C LYS C 531 -37.47 -2.65 26.47
N ARG C 532 -36.42 -3.34 26.02
CA ARG C 532 -36.56 -4.46 25.09
C ARG C 532 -36.59 -5.81 25.79
N TYR C 533 -35.60 -6.09 26.64
CA TYR C 533 -35.60 -7.31 27.44
C TYR C 533 -36.51 -7.15 28.66
N GLN C 534 -37.80 -6.91 28.37
CA GLN C 534 -38.76 -6.72 29.45
C GLN C 534 -38.87 -7.97 30.32
N ASP C 535 -38.59 -9.14 29.76
CA ASP C 535 -38.71 -10.39 30.51
C ASP C 535 -37.52 -10.65 31.43
N TYR C 536 -36.46 -9.86 31.32
CA TYR C 536 -35.26 -10.07 32.13
C TYR C 536 -34.81 -8.75 32.74
N LYS C 537 -34.30 -8.83 33.97
CA LYS C 537 -33.84 -7.66 34.70
C LYS C 537 -32.39 -7.37 34.32
N ILE C 538 -32.16 -6.21 33.70
CA ILE C 538 -30.82 -5.80 33.30
C ILE C 538 -30.21 -5.00 34.45
N THR C 539 -29.27 -5.60 35.15
CA THR C 539 -28.64 -4.96 36.29
C THR C 539 -27.50 -4.05 35.85
N GLN C 540 -27.01 -3.24 36.79
CA GLN C 540 -25.91 -2.33 36.49
C GLN C 540 -24.63 -3.08 36.14
N ARG C 541 -24.53 -4.37 36.48
CA ARG C 541 -23.37 -5.17 36.16
C ARG C 541 -23.43 -5.78 34.77
N MET C 542 -24.27 -5.24 33.89
CA MET C 542 -24.43 -5.76 32.53
C MET C 542 -24.36 -4.62 31.54
N VAL C 543 -23.92 -4.95 30.32
CA VAL C 543 -23.81 -3.99 29.23
C VAL C 543 -24.59 -4.52 28.05
N CYS C 544 -25.16 -3.61 27.26
CA CYS C 544 -25.94 -3.96 26.09
C CYS C 544 -25.30 -3.37 24.84
N ALA C 545 -25.51 -4.04 23.71
CA ALA C 545 -25.01 -3.56 22.44
C ALA C 545 -25.86 -4.13 21.32
N GLY C 546 -26.02 -3.35 20.26
CA GLY C 546 -26.80 -3.77 19.11
C GLY C 546 -28.14 -3.06 19.02
N LYS C 556 -21.71 -14.37 14.85
CA LYS C 556 -20.45 -13.63 14.85
C LYS C 556 -20.03 -13.22 16.26
N GLY C 557 -20.77 -13.71 17.25
CA GLY C 557 -20.40 -13.50 18.64
C GLY C 557 -20.55 -14.77 19.45
N ASP C 558 -19.45 -15.22 20.06
CA ASP C 558 -19.43 -16.46 20.83
C ASP C 558 -19.88 -16.22 22.26
N SER C 559 -20.35 -17.29 22.88
CA SER C 559 -20.63 -17.23 24.31
C SER C 559 -19.30 -17.05 25.03
N GLY C 560 -19.26 -16.07 25.92
CA GLY C 560 -18.05 -15.73 26.62
C GLY C 560 -17.06 -14.92 25.81
N GLY C 561 -17.38 -14.56 24.57
CA GLY C 561 -16.49 -13.81 23.74
C GLY C 561 -16.23 -12.42 24.28
N PRO C 562 -15.09 -11.85 23.93
CA PRO C 562 -14.74 -10.51 24.44
C PRO C 562 -15.63 -9.42 23.85
N LEU C 563 -15.81 -8.36 24.63
CA LEU C 563 -16.35 -7.10 24.15
C LEU C 563 -15.33 -6.02 24.50
N VAL C 564 -14.53 -5.61 23.52
CA VAL C 564 -13.44 -4.68 23.75
C VAL C 564 -13.80 -3.33 23.14
N CYS C 565 -13.37 -2.28 23.84
CA CYS C 565 -13.57 -0.91 23.37
C CYS C 565 -12.26 -0.16 23.55
N LYS C 566 -11.92 0.66 22.56
CA LYS C 566 -10.70 1.45 22.60
C LYS C 566 -10.98 2.77 23.31
N HIS C 567 -10.28 3.01 24.42
CA HIS C 567 -10.44 4.24 25.19
C HIS C 567 -9.07 4.78 25.55
N ASN C 568 -8.85 6.06 25.25
CA ASN C 568 -7.57 6.71 25.50
C ASN C 568 -6.44 5.99 24.77
N GLY C 569 -6.73 5.48 23.58
CA GLY C 569 -5.74 4.83 22.75
C GLY C 569 -5.36 3.43 23.18
N MET C 570 -6.05 2.86 24.16
CA MET C 570 -5.72 1.54 24.69
C MET C 570 -6.97 0.68 24.71
N TRP C 571 -6.84 -0.56 24.25
CA TRP C 571 -7.98 -1.48 24.19
C TRP C 571 -8.19 -2.14 25.55
N ARG C 572 -9.44 -2.14 26.01
CA ARG C 572 -9.79 -2.70 27.30
C ARG C 572 -10.96 -3.67 27.14
N LEU C 573 -10.93 -4.74 27.92
CA LEU C 573 -12.01 -5.73 27.91
C LEU C 573 -13.20 -5.16 28.66
N VAL C 574 -14.19 -4.65 27.93
CA VAL C 574 -15.31 -3.97 28.58
C VAL C 574 -16.36 -4.96 29.04
N GLY C 575 -16.61 -6.03 28.28
CA GLY C 575 -17.67 -6.95 28.64
C GLY C 575 -17.41 -8.34 28.11
N ILE C 576 -18.24 -9.28 28.58
CA ILE C 576 -18.18 -10.68 28.20
C ILE C 576 -19.55 -11.08 27.70
N THR C 577 -19.59 -11.69 26.51
CA THR C 577 -20.88 -12.10 25.94
C THR C 577 -21.55 -13.11 26.86
N SER C 578 -22.82 -12.88 27.15
CA SER C 578 -23.54 -13.77 28.04
C SER C 578 -24.82 -14.28 27.40
N TRP C 579 -25.49 -13.43 26.62
CA TRP C 579 -26.76 -13.75 25.98
C TRP C 579 -26.67 -13.76 24.47
N GLY C 580 -25.47 -13.87 23.92
CA GLY C 580 -25.27 -13.90 22.49
C GLY C 580 -25.14 -12.50 21.89
N GLN C 588 -33.42 -8.33 19.18
CA GLN C 588 -33.04 -7.93 20.53
C GLN C 588 -31.54 -7.69 20.61
N PRO C 589 -31.09 -6.93 21.61
CA PRO C 589 -29.67 -6.59 21.69
C PRO C 589 -28.85 -7.63 22.46
N GLY C 590 -27.57 -7.78 22.10
CA GLY C 590 -26.68 -8.58 22.90
C GLY C 590 -26.51 -8.00 24.30
N VAL C 591 -26.32 -8.87 25.28
CA VAL C 591 -26.11 -8.47 26.66
C VAL C 591 -24.78 -9.03 27.11
N TYR C 592 -23.98 -8.21 27.77
CA TYR C 592 -22.62 -8.55 28.15
C TYR C 592 -22.40 -8.30 29.63
N THR C 593 -21.69 -9.21 30.28
CA THR C 593 -21.28 -8.99 31.66
C THR C 593 -20.29 -7.84 31.73
N LYS C 594 -20.54 -6.90 32.63
CA LYS C 594 -19.72 -5.69 32.73
C LYS C 594 -18.48 -6.01 33.55
N VAL C 595 -17.34 -6.17 32.86
CA VAL C 595 -16.12 -6.59 33.54
C VAL C 595 -15.68 -5.55 34.57
N ALA C 596 -16.04 -4.28 34.37
CA ALA C 596 -15.60 -3.24 35.29
C ALA C 596 -16.12 -3.50 36.70
N GLU C 597 -17.38 -3.89 36.83
CA GLU C 597 -17.96 -4.11 38.15
C GLU C 597 -17.33 -5.30 38.86
N TYR C 598 -16.77 -6.25 38.11
CA TYR C 598 -16.22 -7.48 38.69
C TYR C 598 -14.70 -7.42 38.87
N MET C 599 -14.10 -6.23 38.76
CA MET C 599 -12.65 -6.14 38.89
C MET C 599 -12.20 -6.60 40.27
N ASP C 600 -12.90 -6.19 41.32
CA ASP C 600 -12.53 -6.61 42.66
C ASP C 600 -12.49 -8.13 42.77
N TRP C 601 -13.50 -8.80 42.24
CA TRP C 601 -13.51 -10.26 42.23
C TRP C 601 -12.37 -10.81 41.37
N ILE C 602 -12.13 -10.20 40.21
CA ILE C 602 -11.10 -10.70 39.30
C ILE C 602 -9.73 -10.61 39.95
N LEU C 603 -9.38 -9.43 40.49
CA LEU C 603 -8.06 -9.25 41.07
C LEU C 603 -7.87 -10.14 42.29
N GLU C 604 -8.89 -10.25 43.14
CA GLU C 604 -8.78 -11.08 44.33
C GLU C 604 -8.51 -12.53 43.95
N LYS C 605 -9.32 -13.08 43.06
CA LYS C 605 -9.11 -14.45 42.61
C LYS C 605 -7.79 -14.60 41.89
N THR C 606 -7.45 -13.64 41.03
CA THR C 606 -6.20 -13.72 40.27
C THR C 606 -4.99 -13.72 41.19
N GLN C 607 -4.99 -12.86 42.21
CA GLN C 607 -3.86 -12.76 43.13
C GLN C 607 -3.96 -13.82 44.22
C1 NAG D . -14.68 -13.73 4.70
C2 NAG D . -15.21 -13.11 3.41
C3 NAG D . -16.16 -14.06 2.70
C4 NAG D . -15.49 -15.41 2.49
C5 NAG D . -14.95 -15.95 3.81
C6 NAG D . -14.15 -17.22 3.65
C7 NAG D . -15.34 -10.66 3.32
C8 NAG D . -16.15 -9.45 3.67
N2 NAG D . -15.85 -11.84 3.67
O3 NAG D . -16.55 -13.51 1.46
O4 NAG D . -16.42 -16.34 1.95
O5 NAG D . -14.06 -14.99 4.41
O6 NAG D . -14.15 -17.99 4.84
O7 NAG D . -14.27 -10.57 2.73
H1 NAG D . -15.44 -13.89 5.29
H2 NAG D . -14.44 -12.95 2.81
H3 NAG D . -16.95 -14.19 3.26
H4 NAG D . -14.75 -15.31 1.86
H5 NAG D . -15.69 -16.11 4.42
H61 NAG D . -14.55 -17.76 2.93
H62 NAG D . -13.23 -17.01 3.41
H81 NAG D . -16.36 -9.47 4.62
H82 NAG D . -16.98 -9.45 3.15
H83 NAG D . -15.64 -8.64 3.46
HN2 NAG D . -16.66 -11.85 4.11
HO3 NAG D . -17.13 -12.86 1.60
HO4 NAG D . -17.06 -15.90 1.51
HO6 NAG D . -13.70 -18.75 4.71
C1 NAG E . -9.02 -22.42 7.20
C2 NAG E . -8.92 -21.78 5.82
C3 NAG E . -9.47 -22.74 4.77
C4 NAG E . -8.78 -24.09 4.86
C5 NAG E . -8.89 -24.63 6.27
C6 NAG E . -8.15 -25.92 6.48
C7 NAG E . -9.50 -19.64 4.77
C8 NAG E . -10.31 -18.38 4.89
N2 NAG E . -9.63 -20.52 5.78
O3 NAG E . -9.27 -22.19 3.47
O4 NAG E . -9.36 -25.01 3.95
O5 NAG E . -8.35 -23.69 7.21
O6 NAG E . -7.75 -26.09 7.85
O7 NAG E . -8.75 -19.85 3.82
H1 NAG E . -9.96 -22.55 7.43
H2 NAG E . -7.99 -21.62 5.62
H3 NAG E . -10.43 -22.86 4.91
H4 NAG E . -7.83 -23.98 4.64
H5 NAG E . -9.84 -24.77 6.48
H61 NAG E . -8.71 -26.67 6.22
H62 NAG E . -7.34 -25.92 5.92
H81 NAG E . -10.43 -18.00 4.00
H82 NAG E . -11.17 -18.59 5.29
H83 NAG E . -9.82 -17.74 5.45
HN2 NAG E . -10.20 -20.30 6.46
HO3 NAG E . -8.50 -21.75 3.45
HO4 NAG E . -9.40 -24.64 3.14
HO6 NAG E . -7.19 -25.44 8.06
C1 NAG F . 7.83 -20.13 26.31
C2 NAG F . 9.20 -19.97 25.68
C3 NAG F . 10.18 -20.96 26.31
C4 NAG F . 10.19 -20.81 27.82
C5 NAG F . 8.76 -20.90 28.37
C6 NAG F . 8.68 -20.61 29.86
C7 NAG F . 8.70 -21.25 23.64
C8 NAG F . 8.72 -21.25 22.15
N2 NAG F . 9.15 -20.14 24.24
O3 NAG F . 11.49 -20.73 25.80
O4 NAG F . 10.98 -21.82 28.42
O5 NAG F . 7.92 -19.95 27.72
O6 NAG F . 8.84 -19.22 30.12
O7 NAG F . 8.29 -22.21 24.28
H1 NAG F . 7.49 -21.04 26.13
H2 NAG F . 9.53 -19.08 25.88
H3 NAG F . 9.91 -21.87 26.08
H4 NAG F . 10.56 -19.94 28.06
H5 NAG F . 8.41 -21.80 28.21
H61 NAG F . 7.81 -20.91 30.19
H62 NAG F . 9.39 -21.11 30.32
H81 NAG F . 8.30 -22.06 21.81
H82 NAG F . 9.65 -21.19 21.83
H83 NAG F . 8.23 -20.46 21.82
HN2 NAG F . 9.44 -19.45 23.71
HO3 NAG F . 11.45 -20.69 24.92
HO4 NAG F . 11.70 -21.97 27.92
HO6 NAG F . 9.37 -19.12 30.83
#